data_4EI9
#
_entry.id   4EI9
#
_cell.length_a   49.501
_cell.length_b   76.443
_cell.length_c   97.628
_cell.angle_alpha   90.000
_cell.angle_beta   105.220
_cell.angle_gamma   90.000
#
_symmetry.space_group_name_H-M   'P 1 21 1'
#
loop_
_entity.id
_entity.type
_entity.pdbx_description
1 polymer 'Plasmid replication protein RepX'
2 non-polymer "GUANOSINE-5'-DIPHOSPHATE"
3 non-polymer "5'-GUANOSINE-DIPHOSPHATE-MONOTHIOPHOSPHATE"
#
_entity_poly.entity_id   1
_entity_poly.type   'polypeptide(L)'
_entity_poly.pdbx_seq_one_letter_code
;MAGNFSEIESQGNISLKFGFLGLGMGGCAIAAECANKETQIKNNKYPYRAILVNTNSQDFNKIEIKNTGNVRKIQLEGYE
QGAARNPQVGEEAFVKHETKIFEAVKQEFEDRDFIWITCGLGGGTGTGALLKAIEMLYEHDYNFGLLLTLPRDAEALKVL
ENATSRIRSIAMNQEAFGSIVLIDNAKLYRKFEEENPSALANEYTSYSNKYIADALHEINLVTSSFTPFSDTHFDASEFA
QVINTPGVLSLAKLELKSNQLDTENPLGYLTQLGNALEKGVLYDTEREELESAKKSALSIVTSPLRAGRLYNFSFLNQME
NFLKERTPYVDERPIAPYVNKHTTKKEEDIVKFYSVVAGLPLPKRVSDIIDEITRIKEEREQANSKKSN
;
_entity_poly.pdbx_strand_id   A,B
#
# COMPACT_ATOMS: atom_id res chain seq x y z
N GLY A 3 -0.81 -14.89 -25.03
CA GLY A 3 -0.38 -16.16 -24.40
C GLY A 3 -1.47 -17.24 -24.45
N ASN A 4 -1.88 -17.59 -25.66
CA ASN A 4 -2.91 -18.60 -25.86
C ASN A 4 -2.30 -19.97 -26.09
N PHE A 5 -2.78 -20.96 -25.34
CA PHE A 5 -2.28 -22.32 -25.45
C PHE A 5 -3.34 -23.29 -25.98
N SER A 6 -4.49 -22.74 -26.36
CA SER A 6 -5.60 -23.54 -26.87
C SER A 6 -5.18 -24.65 -27.83
N GLU A 7 -4.32 -24.29 -28.78
CA GLU A 7 -3.84 -25.25 -29.78
C GLU A 7 -3.01 -26.40 -29.21
N ILE A 8 -1.99 -26.07 -28.44
CA ILE A 8 -1.12 -27.08 -27.85
C ILE A 8 -1.83 -27.97 -26.84
N GLU A 9 -2.42 -27.35 -25.83
CA GLU A 9 -3.13 -28.07 -24.77
C GLU A 9 -4.00 -29.20 -25.30
N SER A 10 -4.60 -28.98 -26.47
CA SER A 10 -5.47 -29.98 -27.09
C SER A 10 -4.79 -31.34 -27.12
N GLN A 11 -3.74 -31.45 -27.94
CA GLN A 11 -2.99 -32.69 -28.07
C GLN A 11 -1.86 -32.74 -27.05
N GLY A 12 -1.97 -31.93 -26.01
CA GLY A 12 -0.94 -31.90 -24.98
C GLY A 12 -1.45 -32.39 -23.64
N ASN A 13 -0.66 -32.17 -22.59
CA ASN A 13 -1.02 -32.60 -21.24
C ASN A 13 0.00 -32.06 -20.23
N ILE A 14 -0.47 -31.80 -19.01
CA ILE A 14 0.42 -31.27 -17.97
C ILE A 14 1.28 -32.37 -17.34
N SER A 15 2.38 -31.95 -16.73
CA SER A 15 3.30 -32.88 -16.09
C SER A 15 2.96 -33.09 -14.62
N LEU A 16 2.85 -31.99 -13.88
CA LEU A 16 2.53 -32.06 -12.47
C LEU A 16 1.24 -31.33 -12.13
N LYS A 17 0.52 -31.84 -11.14
CA LYS A 17 -0.72 -31.24 -10.70
C LYS A 17 -0.43 -30.31 -9.52
N PHE A 18 -0.15 -29.05 -9.83
CA PHE A 18 0.18 -28.06 -8.81
C PHE A 18 -0.96 -27.67 -7.89
N GLY A 19 -0.59 -27.24 -6.69
CA GLY A 19 -1.56 -26.80 -5.69
C GLY A 19 -1.01 -25.53 -5.08
N PHE A 20 -1.62 -24.40 -5.40
CA PHE A 20 -1.15 -23.12 -4.89
C PHE A 20 -1.80 -22.71 -3.58
N LEU A 21 -0.95 -22.44 -2.59
CA LEU A 21 -1.41 -22.01 -1.27
C LEU A 21 -1.28 -20.50 -1.16
N GLY A 22 -2.36 -19.79 -1.45
CA GLY A 22 -2.34 -18.34 -1.38
C GLY A 22 -2.13 -17.78 0.01
N LEU A 23 -1.32 -16.75 0.12
CA LEU A 23 -1.03 -16.09 1.38
C LEU A 23 -1.01 -14.58 1.20
N GLY A 24 -2.02 -13.91 1.73
CA GLY A 24 -2.10 -12.47 1.60
C GLY A 24 -2.82 -12.06 0.33
N MET A 25 -2.99 -10.76 0.14
CA MET A 25 -3.68 -10.23 -1.03
C MET A 25 -2.99 -10.72 -2.30
N GLY A 26 -1.74 -10.29 -2.49
CA GLY A 26 -0.98 -10.68 -3.67
C GLY A 26 -0.75 -12.18 -3.76
N GLY A 27 -0.43 -12.80 -2.63
CA GLY A 27 -0.20 -14.23 -2.62
C GLY A 27 -1.41 -14.98 -3.13
N CYS A 28 -2.60 -14.44 -2.88
CA CYS A 28 -3.84 -15.06 -3.30
C CYS A 28 -4.22 -14.62 -4.71
N ALA A 29 -3.80 -13.42 -5.09
CA ALA A 29 -4.10 -12.89 -6.42
C ALA A 29 -3.47 -13.78 -7.49
N ILE A 30 -2.24 -14.22 -7.24
CA ILE A 30 -1.51 -15.08 -8.18
C ILE A 30 -2.09 -16.50 -8.19
N ALA A 31 -2.14 -17.11 -7.01
CA ALA A 31 -2.68 -18.46 -6.88
C ALA A 31 -4.05 -18.54 -7.54
N ALA A 32 -4.91 -17.56 -7.22
CA ALA A 32 -6.25 -17.50 -7.78
C ALA A 32 -6.16 -17.40 -9.30
N GLU A 33 -5.18 -16.64 -9.78
CA GLU A 33 -4.98 -16.46 -11.21
C GLU A 33 -4.58 -17.79 -11.85
N CYS A 34 -3.72 -18.53 -11.16
CA CYS A 34 -3.26 -19.81 -11.65
C CYS A 34 -4.40 -20.83 -11.60
N ALA A 35 -5.24 -20.72 -10.57
CA ALA A 35 -6.37 -21.62 -10.40
C ALA A 35 -7.42 -21.42 -11.49
N ASN A 36 -7.76 -20.16 -11.74
CA ASN A 36 -8.75 -19.83 -12.76
C ASN A 36 -8.16 -19.94 -14.16
N LYS A 37 -7.69 -21.14 -14.51
CA LYS A 37 -7.10 -21.35 -15.83
C LYS A 37 -7.75 -22.50 -16.59
N GLU A 38 -8.55 -22.14 -17.59
CA GLU A 38 -9.22 -23.14 -18.43
C GLU A 38 -8.24 -23.64 -19.48
N THR A 39 -8.27 -24.95 -19.71
CA THR A 39 -7.38 -25.57 -20.68
C THR A 39 -8.09 -26.56 -21.61
N GLN A 40 -7.52 -26.77 -22.79
CA GLN A 40 -8.07 -27.68 -23.79
C GLN A 40 -7.58 -29.11 -23.60
N ILE A 41 -7.03 -29.40 -22.43
CA ILE A 41 -6.52 -30.74 -22.11
C ILE A 41 -7.64 -31.76 -22.01
N LYS A 42 -7.26 -33.01 -21.77
CA LYS A 42 -8.21 -34.11 -21.67
C LYS A 42 -8.93 -34.19 -20.33
N ASN A 43 -10.18 -33.74 -20.32
CA ASN A 43 -11.03 -33.78 -19.13
C ASN A 43 -10.51 -33.08 -17.88
N ASN A 44 -10.39 -31.75 -17.92
CA ASN A 44 -9.93 -30.98 -16.77
C ASN A 44 -9.67 -29.52 -17.09
N LYS A 45 -10.70 -28.80 -17.52
CA LYS A 45 -10.59 -27.38 -17.84
C LYS A 45 -9.67 -26.71 -16.84
N TYR A 46 -9.93 -26.98 -15.56
CA TYR A 46 -9.16 -26.41 -14.48
C TYR A 46 -8.30 -27.49 -13.82
N PRO A 47 -7.04 -27.62 -14.26
CA PRO A 47 -6.12 -28.62 -13.70
C PRO A 47 -5.44 -28.19 -12.40
N TYR A 48 -5.52 -26.91 -12.08
CA TYR A 48 -4.91 -26.39 -10.86
C TYR A 48 -5.92 -26.03 -9.79
N ARG A 49 -5.57 -26.31 -8.54
CA ARG A 49 -6.43 -26.01 -7.40
C ARG A 49 -5.69 -25.08 -6.45
N ALA A 50 -6.41 -24.37 -5.61
CA ALA A 50 -5.79 -23.44 -4.66
C ALA A 50 -6.61 -23.18 -3.40
N ILE A 51 -5.91 -22.73 -2.36
CA ILE A 51 -6.53 -22.41 -1.07
C ILE A 51 -6.12 -20.99 -0.71
N LEU A 52 -7.04 -20.05 -0.88
CA LEU A 52 -6.78 -18.64 -0.59
C LEU A 52 -6.83 -18.34 0.90
N VAL A 53 -5.65 -18.17 1.50
CA VAL A 53 -5.56 -17.86 2.92
C VAL A 53 -5.16 -16.40 3.09
N ASN A 54 -6.08 -15.59 3.59
CA ASN A 54 -5.81 -14.17 3.79
C ASN A 54 -6.81 -13.52 4.74
N THR A 55 -6.38 -12.46 5.40
CA THR A 55 -7.23 -11.74 6.34
C THR A 55 -8.46 -11.20 5.63
N ASN A 56 -9.59 -11.17 6.32
CA ASN A 56 -10.83 -10.68 5.72
C ASN A 56 -10.72 -9.22 5.31
N SER A 57 -10.61 -9.00 4.00
CA SER A 57 -10.48 -7.67 3.44
C SER A 57 -11.61 -7.45 2.44
N GLN A 58 -11.64 -6.26 1.83
CA GLN A 58 -12.66 -5.95 0.84
C GLN A 58 -12.19 -6.38 -0.54
N ASP A 59 -10.88 -6.48 -0.71
CA ASP A 59 -10.29 -6.90 -1.99
C ASP A 59 -10.32 -8.42 -2.08
N PHE A 60 -10.06 -9.08 -0.96
CA PHE A 60 -10.07 -10.54 -0.91
C PHE A 60 -11.51 -10.99 -1.08
N ASN A 61 -12.41 -10.19 -0.50
CA ASN A 61 -13.85 -10.46 -0.57
C ASN A 61 -14.30 -10.04 -1.96
N LYS A 62 -13.36 -9.52 -2.74
CA LYS A 62 -13.63 -9.07 -4.10
C LYS A 62 -13.13 -10.08 -5.14
N ILE A 63 -11.95 -10.64 -4.91
CA ILE A 63 -11.36 -11.61 -5.83
C ILE A 63 -12.39 -12.54 -6.47
N GLU A 64 -12.37 -12.60 -7.80
CA GLU A 64 -13.30 -13.44 -8.54
C GLU A 64 -12.67 -14.79 -8.88
N ILE A 65 -13.45 -15.86 -8.72
CA ILE A 65 -12.98 -17.20 -9.02
C ILE A 65 -13.82 -17.78 -10.16
N LYS A 66 -13.15 -18.35 -11.14
CA LYS A 66 -13.84 -18.95 -12.29
C LYS A 66 -14.19 -20.40 -12.00
N ASN A 67 -13.22 -21.16 -11.53
CA ASN A 67 -13.41 -22.57 -11.20
C ASN A 67 -13.96 -22.77 -9.80
N THR A 68 -15.20 -23.21 -9.72
CA THR A 68 -15.84 -23.45 -8.43
C THR A 68 -15.55 -24.88 -7.97
N GLY A 69 -15.08 -25.01 -6.74
CA GLY A 69 -14.77 -26.32 -6.20
C GLY A 69 -13.27 -26.59 -6.16
N ASN A 70 -12.55 -26.02 -7.12
CA ASN A 70 -11.11 -26.19 -7.18
C ASN A 70 -10.41 -25.14 -6.33
N VAL A 71 -11.20 -24.25 -5.74
CA VAL A 71 -10.66 -23.18 -4.90
C VAL A 71 -11.50 -23.01 -3.64
N ARG A 72 -10.84 -22.61 -2.55
CA ARG A 72 -11.52 -22.39 -1.29
C ARG A 72 -10.88 -21.24 -0.53
N LYS A 73 -11.69 -20.24 -0.18
CA LYS A 73 -11.18 -19.07 0.54
C LYS A 73 -11.21 -19.30 2.05
N ILE A 74 -10.09 -19.00 2.69
CA ILE A 74 -9.96 -19.15 4.15
C ILE A 74 -9.69 -17.78 4.75
N GLN A 75 -10.65 -17.29 5.55
CA GLN A 75 -10.51 -15.98 6.17
C GLN A 75 -10.14 -16.07 7.64
N LEU A 76 -9.48 -15.02 8.13
CA LEU A 76 -9.05 -14.97 9.52
C LEU A 76 -9.70 -13.80 10.24
N GLU A 77 -10.54 -14.10 11.23
CA GLU A 77 -11.25 -13.09 11.99
C GLU A 77 -10.33 -12.35 12.97
N GLY A 78 -10.67 -11.10 13.24
CA GLY A 78 -9.89 -10.30 14.16
C GLY A 78 -8.48 -10.00 13.69
N TYR A 79 -8.28 -9.96 12.38
CA TYR A 79 -6.96 -9.68 11.84
C TYR A 79 -7.05 -8.80 10.59
N GLU A 80 -8.03 -7.90 10.59
CA GLU A 80 -8.22 -6.98 9.47
C GLU A 80 -7.13 -5.92 9.54
N GLN A 81 -5.89 -6.40 9.49
CA GLN A 81 -4.70 -5.54 9.55
C GLN A 81 -4.83 -4.35 8.60
N GLY A 82 -4.58 -4.59 7.32
CA GLY A 82 -4.68 -3.52 6.34
C GLY A 82 -3.35 -2.86 6.02
N ALA A 83 -3.23 -1.58 6.35
CA ALA A 83 -2.01 -0.83 6.08
C ALA A 83 -0.96 -1.02 7.17
N ALA A 84 -1.38 -1.58 8.30
CA ALA A 84 -0.46 -1.80 9.41
C ALA A 84 0.81 -2.45 8.89
N ARG A 85 0.64 -3.57 8.18
CA ARG A 85 1.75 -4.30 7.59
C ARG A 85 2.78 -4.75 8.64
N ASN A 86 2.34 -5.66 9.51
CA ASN A 86 3.22 -6.19 10.55
C ASN A 86 3.26 -7.72 10.47
N PRO A 87 4.38 -8.26 9.94
CA PRO A 87 4.59 -9.70 9.77
C PRO A 87 4.20 -10.57 10.96
N GLN A 88 4.73 -10.25 12.14
CA GLN A 88 4.43 -11.01 13.35
C GLN A 88 2.93 -11.21 13.54
N VAL A 89 2.16 -10.18 13.22
CA VAL A 89 0.70 -10.27 13.34
C VAL A 89 0.21 -11.38 12.43
N GLY A 90 0.68 -11.34 11.18
CA GLY A 90 0.29 -12.36 10.22
C GLY A 90 0.71 -13.73 10.72
N GLU A 91 1.68 -13.74 11.63
CA GLU A 91 2.18 -15.00 12.19
C GLU A 91 1.14 -15.57 13.14
N GLU A 92 0.64 -14.74 14.06
CA GLU A 92 -0.35 -15.17 15.03
C GLU A 92 -1.62 -15.63 14.32
N ALA A 93 -2.07 -14.84 13.35
CA ALA A 93 -3.28 -15.16 12.59
C ALA A 93 -3.27 -16.59 12.07
N PHE A 94 -2.26 -16.92 11.28
CA PHE A 94 -2.13 -18.25 10.71
C PHE A 94 -2.12 -19.32 11.79
N VAL A 95 -1.48 -19.01 12.93
CA VAL A 95 -1.41 -19.94 14.04
C VAL A 95 -2.75 -20.14 14.72
N LYS A 96 -3.43 -19.03 15.03
CA LYS A 96 -4.73 -19.07 15.69
C LYS A 96 -5.76 -19.84 14.87
N HIS A 97 -5.48 -20.03 13.58
CA HIS A 97 -6.38 -20.76 12.70
C HIS A 97 -5.65 -21.92 12.03
N GLU A 98 -4.45 -22.22 12.51
CA GLU A 98 -3.64 -23.31 11.97
C GLU A 98 -4.47 -24.55 11.65
N THR A 99 -5.37 -24.91 12.56
CA THR A 99 -6.21 -26.08 12.37
C THR A 99 -7.19 -25.89 11.22
N LYS A 100 -8.02 -24.85 11.32
CA LYS A 100 -9.01 -24.55 10.30
C LYS A 100 -8.41 -24.46 8.90
N ILE A 101 -7.10 -24.26 8.82
CA ILE A 101 -6.41 -24.16 7.54
C ILE A 101 -5.96 -25.52 7.01
N PHE A 102 -5.06 -26.17 7.74
CA PHE A 102 -4.55 -27.47 7.32
C PHE A 102 -5.69 -28.42 6.97
N GLU A 103 -6.76 -28.36 7.75
CA GLU A 103 -7.92 -29.22 7.52
C GLU A 103 -8.43 -29.03 6.10
N ALA A 104 -8.22 -27.84 5.54
CA ALA A 104 -8.65 -27.52 4.19
C ALA A 104 -7.59 -27.90 3.17
N VAL A 105 -6.35 -28.00 3.63
CA VAL A 105 -5.22 -28.36 2.77
C VAL A 105 -5.18 -29.89 2.62
N LYS A 106 -5.60 -30.58 3.67
CA LYS A 106 -5.62 -32.04 3.68
C LYS A 106 -6.66 -32.62 2.73
N GLN A 107 -7.61 -31.79 2.31
CA GLN A 107 -8.66 -32.24 1.41
C GLN A 107 -8.58 -31.65 0.00
N GLU A 108 -8.30 -30.36 -0.09
CA GLU A 108 -8.21 -29.71 -1.40
C GLU A 108 -6.99 -30.16 -2.19
N PHE A 109 -6.00 -30.71 -1.50
CA PHE A 109 -4.78 -31.18 -2.15
C PHE A 109 -4.53 -32.66 -1.88
N GLU A 110 -5.55 -33.49 -2.09
CA GLU A 110 -5.42 -34.92 -1.86
C GLU A 110 -4.74 -35.64 -3.03
N ASP A 111 -4.20 -34.87 -3.95
CA ASP A 111 -3.55 -35.45 -5.13
C ASP A 111 -2.74 -34.43 -5.90
N ARG A 112 -2.01 -33.58 -5.18
CA ARG A 112 -1.20 -32.57 -5.83
C ARG A 112 0.28 -32.92 -5.82
N ASP A 113 0.83 -33.17 -7.01
CA ASP A 113 2.22 -33.51 -7.16
C ASP A 113 3.13 -32.47 -6.52
N PHE A 114 2.70 -31.22 -6.53
CA PHE A 114 3.49 -30.15 -5.94
C PHE A 114 2.59 -29.05 -5.37
N ILE A 115 3.17 -28.22 -4.51
CA ILE A 115 2.42 -27.13 -3.90
C ILE A 115 3.22 -25.83 -3.93
N TRP A 116 2.63 -24.78 -4.50
CA TRP A 116 3.30 -23.49 -4.59
C TRP A 116 2.80 -22.49 -3.56
N ILE A 117 3.61 -22.24 -2.54
CA ILE A 117 3.24 -21.28 -1.52
C ILE A 117 3.38 -19.88 -2.11
N THR A 118 2.33 -19.43 -2.78
CA THR A 118 2.32 -18.12 -3.41
C THR A 118 2.15 -17.02 -2.38
N CYS A 119 3.18 -16.19 -2.22
CA CYS A 119 3.12 -15.10 -1.25
C CYS A 119 3.72 -13.81 -1.81
N GLY A 120 3.23 -12.69 -1.31
CA GLY A 120 3.73 -11.40 -1.74
C GLY A 120 4.61 -10.80 -0.66
N LEU A 121 5.91 -11.02 -0.77
CA LEU A 121 6.87 -10.52 0.20
C LEU A 121 6.69 -9.02 0.43
N GLY A 122 7.08 -8.56 1.62
CA GLY A 122 6.95 -7.15 1.94
C GLY A 122 5.71 -6.80 2.74
N GLY A 123 4.64 -7.58 2.53
CA GLY A 123 3.41 -7.33 3.25
C GLY A 123 3.48 -7.74 4.71
N GLY A 124 2.32 -7.87 5.34
CA GLY A 124 2.28 -8.25 6.75
C GLY A 124 1.63 -9.60 6.97
N THR A 125 0.45 -9.79 6.36
CA THR A 125 -0.28 -11.05 6.50
C THR A 125 0.52 -12.21 5.92
N GLY A 126 0.60 -12.27 4.60
CA GLY A 126 1.33 -13.35 3.96
C GLY A 126 2.76 -13.48 4.46
N THR A 127 3.51 -12.39 4.34
CA THR A 127 4.90 -12.36 4.78
C THR A 127 5.11 -13.02 6.13
N GLY A 128 4.27 -12.66 7.10
CA GLY A 128 4.39 -13.21 8.44
C GLY A 128 4.09 -14.70 8.51
N ALA A 129 3.00 -15.12 7.89
CA ALA A 129 2.59 -16.51 7.88
C ALA A 129 3.45 -17.38 6.98
N LEU A 130 4.21 -16.74 6.09
CA LEU A 130 5.07 -17.46 5.15
C LEU A 130 5.97 -18.49 5.83
N LEU A 131 6.39 -18.21 7.06
CA LEU A 131 7.25 -19.13 7.78
C LEU A 131 6.48 -20.25 8.47
N LYS A 132 5.31 -19.91 9.00
CA LYS A 132 4.47 -20.90 9.68
C LYS A 132 3.80 -21.82 8.67
N ALA A 133 3.67 -21.34 7.44
CA ALA A 133 3.05 -22.13 6.37
C ALA A 133 4.02 -23.20 5.92
N ILE A 134 5.31 -22.85 5.89
CA ILE A 134 6.34 -23.79 5.48
C ILE A 134 6.43 -24.92 6.49
N GLU A 135 6.39 -24.59 7.78
CA GLU A 135 6.45 -25.59 8.83
C GLU A 135 5.30 -26.58 8.65
N MET A 136 4.11 -26.04 8.42
CA MET A 136 2.92 -26.87 8.23
C MET A 136 3.11 -27.90 7.13
N LEU A 137 3.36 -27.43 5.92
CA LEU A 137 3.56 -28.32 4.78
C LEU A 137 4.77 -29.24 4.95
N TYR A 138 5.70 -28.83 5.81
CA TYR A 138 6.89 -29.64 6.04
C TYR A 138 6.59 -30.75 7.04
N GLU A 139 6.01 -30.37 8.18
CA GLU A 139 5.67 -31.33 9.23
C GLU A 139 4.69 -32.38 8.73
N HIS A 140 3.91 -32.02 7.71
CA HIS A 140 2.93 -32.94 7.15
C HIS A 140 3.40 -33.52 5.83
N ASP A 141 4.71 -33.65 5.71
CA ASP A 141 5.37 -34.20 4.53
C ASP A 141 4.67 -33.95 3.20
N TYR A 142 4.92 -32.79 2.62
CA TYR A 142 4.35 -32.41 1.33
C TYR A 142 5.48 -32.03 0.38
N ASN A 143 5.16 -31.90 -0.90
CA ASN A 143 6.15 -31.52 -1.90
C ASN A 143 5.79 -30.10 -2.33
N PHE A 144 6.20 -29.13 -1.54
CA PHE A 144 5.91 -27.73 -1.81
C PHE A 144 7.13 -26.91 -2.22
N GLY A 145 6.85 -25.72 -2.75
CA GLY A 145 7.89 -24.81 -3.18
C GLY A 145 7.51 -23.41 -2.74
N LEU A 146 8.27 -22.42 -3.17
CA LEU A 146 7.97 -21.05 -2.79
C LEU A 146 7.81 -20.14 -4.00
N LEU A 147 6.62 -19.58 -4.16
CA LEU A 147 6.33 -18.67 -5.26
C LEU A 147 6.23 -17.28 -4.65
N LEU A 148 7.38 -16.65 -4.44
CA LEU A 148 7.45 -15.32 -3.83
C LEU A 148 7.65 -14.21 -4.84
N THR A 149 7.35 -12.98 -4.43
CA THR A 149 7.52 -11.82 -5.29
C THR A 149 8.33 -10.75 -4.56
N LEU A 150 9.23 -10.10 -5.29
CA LEU A 150 10.08 -9.06 -4.71
C LEU A 150 9.46 -7.68 -4.95
N PRO A 151 9.10 -6.98 -3.87
CA PRO A 151 8.49 -5.65 -3.92
C PRO A 151 9.33 -4.65 -4.72
N ARG A 152 8.71 -3.54 -5.09
CA ARG A 152 9.39 -2.50 -5.85
C ARG A 152 9.85 -1.43 -4.87
N ASP A 153 10.66 -0.49 -5.33
CA ASP A 153 11.17 0.58 -4.46
C ASP A 153 10.09 1.54 -3.97
N ALA A 154 9.19 1.94 -4.86
CA ALA A 154 8.13 2.87 -4.49
C ALA A 154 7.22 2.33 -3.40
N GLU A 155 7.43 1.07 -3.03
CA GLU A 155 6.62 0.43 -1.99
C GLU A 155 6.97 0.99 -0.62
N ALA A 156 7.97 1.87 -0.57
CA ALA A 156 8.41 2.50 0.67
C ALA A 156 9.28 1.60 1.53
N LEU A 157 9.93 2.22 2.52
CA LEU A 157 10.82 1.51 3.43
C LEU A 157 10.19 0.27 4.06
N LYS A 158 9.45 0.47 5.15
CA LYS A 158 8.79 -0.62 5.87
C LYS A 158 8.59 -1.89 5.06
N VAL A 159 7.85 -1.77 3.95
CA VAL A 159 7.58 -2.91 3.09
C VAL A 159 8.86 -3.68 2.74
N LEU A 160 9.84 -2.97 2.20
CA LEU A 160 11.11 -3.57 1.82
C LEU A 160 11.76 -4.31 3.00
N GLU A 161 11.65 -3.73 4.20
CA GLU A 161 12.21 -4.35 5.38
C GLU A 161 11.57 -5.71 5.63
N ASN A 162 10.28 -5.80 5.34
CA ASN A 162 9.54 -7.04 5.54
C ASN A 162 10.04 -8.12 4.56
N ALA A 163 10.10 -7.77 3.28
CA ALA A 163 10.55 -8.70 2.26
C ALA A 163 11.91 -9.28 2.66
N THR A 164 12.88 -8.39 2.88
CA THR A 164 14.22 -8.79 3.26
C THR A 164 14.22 -9.74 4.47
N SER A 165 13.40 -9.43 5.46
CA SER A 165 13.31 -10.24 6.67
C SER A 165 13.05 -11.71 6.38
N ARG A 166 12.15 -11.99 5.44
CA ARG A 166 11.82 -13.36 5.10
C ARG A 166 12.82 -14.01 4.15
N ILE A 167 13.31 -13.24 3.18
CA ILE A 167 14.27 -13.77 2.22
C ILE A 167 15.43 -14.41 2.98
N ARG A 168 15.94 -13.69 3.98
CA ARG A 168 17.05 -14.19 4.79
C ARG A 168 16.67 -15.48 5.50
N SER A 169 15.49 -15.51 6.10
CA SER A 169 15.01 -16.68 6.81
C SER A 169 14.83 -17.85 5.85
N ILE A 170 14.32 -17.55 4.67
CA ILE A 170 14.09 -18.57 3.64
C ILE A 170 15.41 -19.15 3.12
N ALA A 171 16.22 -18.29 2.52
CA ALA A 171 17.50 -18.70 1.95
C ALA A 171 18.37 -19.52 2.91
N MET A 172 18.10 -19.42 4.21
CA MET A 172 18.89 -20.15 5.19
C MET A 172 18.25 -21.47 5.61
N ASN A 173 17.05 -21.73 5.10
CA ASN A 173 16.34 -22.97 5.41
C ASN A 173 15.79 -23.58 4.14
N GLN A 174 16.33 -23.12 3.01
CA GLN A 174 15.90 -23.60 1.69
C GLN A 174 16.07 -25.10 1.54
N GLU A 175 16.97 -25.69 2.32
CA GLU A 175 17.23 -27.12 2.26
C GLU A 175 16.02 -27.93 2.74
N ALA A 176 15.12 -27.27 3.47
CA ALA A 176 13.95 -27.94 4.01
C ALA A 176 12.77 -28.08 3.06
N PHE A 177 12.91 -27.57 1.84
CA PHE A 177 11.81 -27.66 0.88
C PHE A 177 12.24 -27.58 -0.58
N GLY A 178 11.24 -27.45 -1.47
CA GLY A 178 11.52 -27.39 -2.89
C GLY A 178 12.18 -26.11 -3.37
N SER A 179 12.01 -25.83 -4.66
CA SER A 179 12.60 -24.65 -5.28
C SER A 179 11.81 -23.38 -4.95
N ILE A 180 12.45 -22.23 -5.15
CA ILE A 180 11.83 -20.93 -4.89
C ILE A 180 11.72 -20.13 -6.17
N VAL A 181 10.53 -20.13 -6.77
CA VAL A 181 10.30 -19.38 -7.99
C VAL A 181 10.11 -17.90 -7.67
N LEU A 182 11.23 -17.18 -7.59
CA LEU A 182 11.20 -15.75 -7.29
C LEU A 182 10.63 -14.96 -8.46
N ILE A 183 9.83 -13.94 -8.13
CA ILE A 183 9.23 -13.08 -9.14
C ILE A 183 9.62 -11.64 -8.83
N ASP A 184 10.25 -10.98 -9.79
CA ASP A 184 10.67 -9.60 -9.61
C ASP A 184 9.60 -8.65 -10.12
N ASN A 185 8.79 -8.12 -9.21
CA ASN A 185 7.73 -7.18 -9.58
C ASN A 185 8.33 -5.93 -10.21
N ALA A 186 9.52 -5.55 -9.74
CA ALA A 186 10.18 -4.37 -10.29
C ALA A 186 10.48 -4.61 -11.76
N LYS A 187 11.01 -5.79 -12.07
CA LYS A 187 11.34 -6.16 -13.44
C LYS A 187 10.09 -6.19 -14.32
N LEU A 188 9.13 -7.02 -13.94
CA LEU A 188 7.89 -7.14 -14.69
C LEU A 188 7.24 -5.78 -14.90
N TYR A 189 7.28 -4.94 -13.88
CA TYR A 189 6.69 -3.61 -13.97
C TYR A 189 7.42 -2.81 -15.03
N ARG A 190 8.75 -2.89 -15.03
CA ARG A 190 9.57 -2.19 -16.00
C ARG A 190 9.42 -2.78 -17.40
N LYS A 191 8.96 -4.03 -17.47
CA LYS A 191 8.77 -4.70 -18.76
C LYS A 191 7.44 -4.26 -19.37
N PHE A 192 6.40 -4.22 -18.56
CA PHE A 192 5.07 -3.83 -19.00
C PHE A 192 5.07 -2.43 -19.61
N GLU A 193 6.00 -1.59 -19.16
CA GLU A 193 6.11 -0.23 -19.68
C GLU A 193 6.62 -0.28 -21.11
N GLU A 194 7.59 -1.16 -21.37
CA GLU A 194 8.14 -1.30 -22.70
C GLU A 194 7.17 -2.04 -23.60
N GLU A 195 6.77 -3.23 -23.17
CA GLU A 195 5.83 -4.05 -23.92
C GLU A 195 4.63 -3.20 -24.34
N ASN A 196 4.00 -2.58 -23.36
CA ASN A 196 2.83 -1.73 -23.60
C ASN A 196 3.06 -0.33 -23.03
N PRO A 197 3.70 0.55 -23.81
CA PRO A 197 3.99 1.93 -23.39
C PRO A 197 2.74 2.79 -23.16
N SER A 198 1.71 2.57 -23.96
CA SER A 198 0.47 3.32 -23.84
C SER A 198 -0.45 2.81 -22.75
N ALA A 199 -0.37 1.51 -22.47
CA ALA A 199 -1.21 0.90 -21.44
C ALA A 199 -1.23 1.74 -20.17
N LEU A 200 -2.30 1.59 -19.40
CA LEU A 200 -2.45 2.33 -18.15
C LEU A 200 -2.07 1.47 -16.94
N ALA A 201 -1.69 2.14 -15.85
CA ALA A 201 -1.27 1.47 -14.63
C ALA A 201 -2.33 0.58 -13.99
N ASN A 202 -3.57 0.68 -14.46
CA ASN A 202 -4.66 -0.12 -13.91
C ASN A 202 -4.68 -1.53 -14.51
N GLU A 203 -3.83 -1.76 -15.50
CA GLU A 203 -3.77 -3.06 -16.17
C GLU A 203 -2.55 -3.87 -15.74
N TYR A 204 -1.71 -3.29 -14.87
CA TYR A 204 -0.51 -3.98 -14.43
C TYR A 204 -0.78 -5.33 -13.77
N THR A 205 -1.25 -5.31 -12.53
CA THR A 205 -1.53 -6.54 -11.79
C THR A 205 -2.07 -7.65 -12.69
N SER A 206 -3.15 -7.38 -13.39
CA SER A 206 -3.73 -8.36 -14.29
C SER A 206 -2.63 -8.93 -15.15
N TYR A 207 -1.91 -8.05 -15.83
CA TYR A 207 -0.81 -8.43 -16.70
C TYR A 207 0.16 -9.38 -16.00
N SER A 208 0.72 -8.93 -14.88
CA SER A 208 1.68 -9.73 -14.13
C SER A 208 1.12 -11.08 -13.69
N ASN A 209 -0.02 -11.06 -13.02
CA ASN A 209 -0.65 -12.29 -12.54
C ASN A 209 -0.91 -13.25 -13.70
N LYS A 210 -1.46 -12.72 -14.80
CA LYS A 210 -1.75 -13.54 -15.96
C LYS A 210 -0.45 -13.97 -16.63
N TYR A 211 0.61 -13.20 -16.37
CA TYR A 211 1.93 -13.49 -16.94
C TYR A 211 2.69 -14.52 -16.11
N ILE A 212 2.55 -14.43 -14.79
CA ILE A 212 3.23 -15.36 -13.89
C ILE A 212 2.55 -16.72 -13.96
N ALA A 213 1.24 -16.70 -14.15
CA ALA A 213 0.46 -17.93 -14.24
C ALA A 213 0.86 -18.71 -15.50
N ASP A 214 0.86 -18.03 -16.64
CA ASP A 214 1.22 -18.66 -17.90
C ASP A 214 2.67 -19.11 -17.91
N ALA A 215 3.54 -18.30 -17.33
CA ALA A 215 4.96 -18.63 -17.28
C ALA A 215 5.14 -19.97 -16.58
N LEU A 216 4.50 -20.12 -15.41
CA LEU A 216 4.57 -21.34 -14.63
C LEU A 216 3.83 -22.50 -15.30
N HIS A 217 2.70 -22.16 -15.94
CA HIS A 217 1.89 -23.17 -16.62
C HIS A 217 2.52 -23.65 -17.93
N GLU A 218 3.08 -22.73 -18.68
CA GLU A 218 3.71 -23.04 -19.97
C GLU A 218 4.78 -24.13 -19.87
N ILE A 219 5.68 -24.00 -18.90
CA ILE A 219 6.74 -24.98 -18.74
C ILE A 219 6.17 -26.33 -18.32
N ASN A 220 5.15 -26.30 -17.47
CA ASN A 220 4.53 -27.52 -17.00
C ASN A 220 3.85 -28.26 -18.16
N LEU A 221 3.41 -27.49 -19.14
CA LEU A 221 2.73 -28.06 -20.31
C LEU A 221 3.75 -28.57 -21.34
N VAL A 222 4.79 -27.79 -21.59
CA VAL A 222 5.82 -28.15 -22.56
C VAL A 222 6.49 -29.50 -22.28
N THR A 223 7.02 -29.66 -21.07
CA THR A 223 7.70 -30.89 -20.69
C THR A 223 6.95 -32.19 -20.95
N SER A 224 5.64 -32.11 -21.18
CA SER A 224 4.86 -33.32 -21.42
C SER A 224 3.77 -33.16 -22.47
N SER A 225 4.04 -32.38 -23.51
CA SER A 225 3.06 -32.17 -24.56
C SER A 225 3.66 -32.31 -25.96
N PHE A 226 4.91 -32.73 -26.02
CA PHE A 226 5.59 -32.90 -27.29
C PHE A 226 6.33 -34.24 -27.37
N THR A 227 6.74 -34.61 -28.58
CA THR A 227 7.44 -35.86 -28.80
C THR A 227 8.94 -35.65 -28.87
N PRO A 228 9.72 -36.46 -28.13
CA PRO A 228 11.18 -36.35 -28.12
C PRO A 228 11.78 -36.76 -29.46
N PHE A 229 12.95 -36.19 -29.77
CA PHE A 229 13.64 -36.49 -31.02
C PHE A 229 14.72 -37.53 -30.76
N SER A 230 14.94 -37.83 -29.48
CA SER A 230 15.95 -38.81 -29.08
C SER A 230 15.68 -39.37 -27.68
N ASP A 231 16.72 -39.89 -27.05
CA ASP A 231 16.60 -40.45 -25.71
C ASP A 231 16.72 -39.39 -24.63
N THR A 232 17.54 -38.37 -24.88
CA THR A 232 17.70 -37.29 -23.92
C THR A 232 16.32 -36.68 -23.67
N HIS A 233 15.83 -36.80 -22.45
CA HIS A 233 14.51 -36.28 -22.12
C HIS A 233 14.49 -35.27 -20.97
N PHE A 234 13.38 -34.53 -20.92
CA PHE A 234 13.14 -33.54 -19.89
C PHE A 234 11.65 -33.65 -19.60
N ASP A 235 11.16 -34.88 -19.68
CA ASP A 235 9.75 -35.20 -19.45
C ASP A 235 9.30 -34.83 -18.05
N ALA A 236 8.05 -35.17 -17.74
CA ALA A 236 7.47 -34.87 -16.43
C ALA A 236 8.34 -35.36 -15.27
N SER A 237 8.87 -36.57 -15.38
CA SER A 237 9.70 -37.14 -14.32
C SER A 237 10.91 -36.26 -14.01
N GLU A 238 11.65 -35.87 -15.04
CA GLU A 238 12.82 -35.02 -14.87
C GLU A 238 12.41 -33.65 -14.32
N PHE A 239 11.36 -33.09 -14.90
CA PHE A 239 10.86 -31.79 -14.47
C PHE A 239 10.67 -31.76 -12.96
N ALA A 240 9.92 -32.74 -12.45
CA ALA A 240 9.64 -32.84 -11.02
C ALA A 240 10.90 -32.71 -10.17
N GLN A 241 12.04 -33.09 -10.74
CA GLN A 241 13.30 -33.01 -10.02
C GLN A 241 13.67 -31.56 -9.80
N VAL A 242 13.89 -30.86 -10.92
CA VAL A 242 14.28 -29.45 -10.90
C VAL A 242 13.39 -28.60 -9.99
N ILE A 243 12.15 -29.04 -9.79
CA ILE A 243 11.21 -28.31 -8.95
C ILE A 243 11.35 -28.64 -7.47
N ASN A 244 11.92 -29.81 -7.15
CA ASN A 244 12.08 -30.20 -5.76
C ASN A 244 13.48 -29.92 -5.21
N THR A 245 14.33 -29.31 -6.03
CA THR A 245 15.69 -28.98 -5.60
C THR A 245 15.74 -27.61 -4.93
N PRO A 246 16.21 -27.57 -3.67
CA PRO A 246 16.32 -26.33 -2.89
C PRO A 246 17.07 -25.22 -3.62
N GLY A 247 16.66 -23.98 -3.39
CA GLY A 247 17.30 -22.85 -4.03
C GLY A 247 16.36 -22.14 -5.00
N VAL A 248 16.78 -20.98 -5.47
CA VAL A 248 15.98 -20.20 -6.41
C VAL A 248 15.90 -20.89 -7.77
N LEU A 249 14.79 -20.68 -8.47
CA LEU A 249 14.59 -21.28 -9.79
C LEU A 249 14.38 -20.20 -10.83
N SER A 250 15.10 -20.30 -11.95
CA SER A 250 14.99 -19.32 -13.03
C SER A 250 14.51 -19.96 -14.32
N LEU A 251 13.42 -19.44 -14.86
CA LEU A 251 12.87 -19.94 -16.11
C LEU A 251 13.23 -19.01 -17.26
N ALA A 252 13.65 -19.59 -18.39
CA ALA A 252 14.01 -18.80 -19.56
C ALA A 252 13.23 -19.27 -20.78
N LYS A 253 13.03 -18.36 -21.73
CA LYS A 253 12.28 -18.67 -22.94
C LYS A 253 12.77 -17.80 -24.11
N LEU A 254 12.84 -18.40 -25.30
CA LEU A 254 13.30 -17.70 -26.49
C LEU A 254 12.72 -18.30 -27.76
N GLU A 255 12.05 -17.46 -28.54
CA GLU A 255 11.44 -17.91 -29.80
C GLU A 255 12.16 -17.29 -30.99
N LEU A 256 12.72 -18.12 -31.85
CA LEU A 256 13.43 -17.63 -33.02
C LEU A 256 12.92 -18.28 -34.30
N LYS A 257 13.41 -17.79 -35.43
CA LYS A 257 13.02 -18.32 -36.73
C LYS A 257 14.15 -19.19 -37.27
N SER A 258 13.81 -20.17 -38.11
CA SER A 258 14.80 -21.08 -38.67
C SER A 258 15.95 -20.34 -39.35
N ASN A 259 15.62 -19.29 -40.10
CA ASN A 259 16.63 -18.52 -40.81
C ASN A 259 17.61 -17.86 -39.83
N GLN A 260 17.07 -17.26 -38.77
CA GLN A 260 17.89 -16.59 -37.76
C GLN A 260 18.88 -17.57 -37.14
N LEU A 261 18.40 -18.76 -36.81
CA LEU A 261 19.25 -19.79 -36.21
C LEU A 261 20.23 -20.33 -37.25
N ASP A 262 21.52 -20.12 -37.01
CA ASP A 262 22.56 -20.59 -37.91
C ASP A 262 23.62 -21.40 -37.17
N THR A 263 23.69 -22.70 -37.48
CA THR A 263 24.64 -23.59 -36.84
C THR A 263 26.09 -23.20 -37.14
N GLU A 264 26.34 -22.77 -38.37
CA GLU A 264 27.67 -22.37 -38.80
C GLU A 264 28.13 -21.14 -38.01
N ASN A 265 27.19 -20.24 -37.73
CA ASN A 265 27.47 -19.02 -36.98
C ASN A 265 26.58 -18.98 -35.75
N PRO A 266 26.84 -19.88 -34.78
CA PRO A 266 26.07 -19.98 -33.54
C PRO A 266 26.14 -18.75 -32.65
N LEU A 267 27.32 -18.15 -32.57
CA LEU A 267 27.52 -16.95 -31.75
C LEU A 267 26.38 -15.96 -31.96
N GLY A 268 25.81 -15.97 -33.15
CA GLY A 268 24.71 -15.06 -33.44
C GLY A 268 23.51 -15.29 -32.56
N TYR A 269 22.95 -16.50 -32.59
CA TYR A 269 21.79 -16.84 -31.78
C TYR A 269 22.18 -17.24 -30.36
N LEU A 270 23.34 -17.89 -30.23
CA LEU A 270 23.80 -18.32 -28.91
C LEU A 270 23.75 -17.15 -27.94
N THR A 271 24.13 -15.97 -28.43
CA THR A 271 24.12 -14.77 -27.62
C THR A 271 22.70 -14.50 -27.12
N GLN A 272 21.73 -14.56 -28.02
CA GLN A 272 20.34 -14.34 -27.66
C GLN A 272 19.91 -15.32 -26.57
N LEU A 273 20.19 -16.60 -26.78
CA LEU A 273 19.84 -17.63 -25.80
C LEU A 273 20.58 -17.36 -24.49
N GLY A 274 21.80 -16.84 -24.62
CA GLY A 274 22.59 -16.53 -23.43
C GLY A 274 22.08 -15.28 -22.75
N ASN A 275 21.50 -14.38 -23.55
CA ASN A 275 20.95 -13.13 -23.04
C ASN A 275 19.53 -13.37 -22.53
N ALA A 276 18.83 -14.28 -23.20
CA ALA A 276 17.46 -14.61 -22.82
C ALA A 276 17.51 -15.44 -21.54
N LEU A 277 18.60 -16.19 -21.37
CA LEU A 277 18.78 -17.02 -20.19
C LEU A 277 19.11 -16.16 -18.98
N GLU A 278 19.80 -15.05 -19.23
CA GLU A 278 20.17 -14.12 -18.16
C GLU A 278 18.96 -13.28 -17.82
N LYS A 279 18.18 -12.93 -18.84
CA LYS A 279 16.97 -12.14 -18.63
C LYS A 279 15.83 -13.12 -18.41
N GLY A 280 15.77 -13.69 -17.20
CA GLY A 280 14.74 -14.65 -16.86
C GLY A 280 13.34 -14.16 -17.17
N VAL A 281 12.38 -15.09 -17.10
CA VAL A 281 10.99 -14.77 -17.36
C VAL A 281 10.35 -14.06 -16.18
N LEU A 282 10.85 -14.34 -14.98
CA LEU A 282 10.30 -13.72 -13.78
C LEU A 282 11.28 -12.80 -13.05
N TYR A 283 12.57 -13.04 -13.22
CA TYR A 283 13.59 -12.21 -12.59
C TYR A 283 14.92 -12.29 -13.32
N ASP A 284 15.64 -11.18 -13.36
CA ASP A 284 16.94 -11.14 -14.03
C ASP A 284 18.00 -11.85 -13.20
N THR A 285 18.88 -12.57 -13.89
CA THR A 285 19.97 -13.29 -13.24
C THR A 285 21.23 -13.19 -14.10
N GLU A 286 22.37 -12.99 -13.45
CA GLU A 286 23.64 -12.88 -14.17
C GLU A 286 24.38 -14.21 -14.28
N ARG A 287 25.34 -14.26 -15.20
CA ARG A 287 26.14 -15.46 -15.41
C ARG A 287 26.71 -16.00 -14.10
N GLU A 288 27.26 -15.09 -13.29
CA GLU A 288 27.85 -15.47 -12.02
C GLU A 288 26.94 -16.36 -11.18
N GLU A 289 25.68 -15.97 -11.05
CA GLU A 289 24.72 -16.73 -10.26
C GLU A 289 24.41 -18.10 -10.87
N LEU A 290 24.36 -18.16 -12.20
CA LEU A 290 24.07 -19.41 -12.89
C LEU A 290 25.18 -20.43 -12.72
N GLU A 291 26.43 -19.95 -12.67
CA GLU A 291 27.59 -20.81 -12.51
C GLU A 291 27.53 -21.69 -11.27
N SER A 292 26.57 -21.41 -10.40
CA SER A 292 26.42 -22.18 -9.16
C SER A 292 25.11 -22.96 -9.11
N ALA A 293 24.57 -23.27 -10.28
CA ALA A 293 23.31 -24.01 -10.37
C ALA A 293 23.57 -25.51 -10.23
N LYS A 294 22.63 -26.22 -9.59
CA LYS A 294 22.77 -27.65 -9.40
C LYS A 294 22.21 -28.42 -10.60
N LYS A 295 21.03 -28.02 -11.07
CA LYS A 295 20.41 -28.70 -12.20
C LYS A 295 20.01 -27.74 -13.32
N SER A 296 20.10 -28.23 -14.55
CA SER A 296 19.74 -27.45 -15.73
C SER A 296 19.02 -28.33 -16.74
N ALA A 297 18.47 -27.69 -17.77
CA ALA A 297 17.75 -28.40 -18.82
C ALA A 297 17.34 -27.40 -19.89
N LEU A 298 17.33 -27.85 -21.14
CA LEU A 298 16.95 -27.00 -22.25
C LEU A 298 16.20 -27.80 -23.30
N SER A 299 14.91 -27.52 -23.44
CA SER A 299 14.08 -28.22 -24.41
C SER A 299 13.89 -27.34 -25.65
N ILE A 300 13.95 -27.96 -26.82
CA ILE A 300 13.78 -27.24 -28.07
C ILE A 300 12.55 -27.80 -28.78
N VAL A 301 11.62 -26.92 -29.11
CA VAL A 301 10.39 -27.34 -29.79
C VAL A 301 10.26 -26.70 -31.17
N THR A 302 9.98 -27.53 -32.17
CA THR A 302 9.83 -27.05 -33.53
C THR A 302 9.01 -28.01 -34.39
N SER A 303 8.66 -27.58 -35.60
CA SER A 303 7.87 -28.38 -36.53
C SER A 303 8.58 -29.68 -36.92
N PRO A 304 7.82 -30.65 -37.46
CA PRO A 304 8.36 -31.95 -37.89
C PRO A 304 9.39 -31.84 -39.01
N LEU A 305 9.21 -30.84 -39.87
CA LEU A 305 10.09 -30.64 -41.02
C LEU A 305 11.40 -29.95 -40.61
N ARG A 306 11.30 -28.86 -39.87
CA ARG A 306 12.47 -28.13 -39.42
C ARG A 306 13.26 -28.93 -38.39
N ALA A 307 12.60 -29.95 -37.84
CA ALA A 307 13.22 -30.81 -36.82
C ALA A 307 14.45 -31.51 -37.36
N GLY A 308 14.23 -32.54 -38.19
CA GLY A 308 15.32 -33.30 -38.75
C GLY A 308 16.45 -32.46 -39.33
N ARG A 309 16.09 -31.31 -39.90
CA ARG A 309 17.08 -30.42 -40.49
C ARG A 309 17.90 -29.70 -39.42
N LEU A 310 17.22 -29.18 -38.41
CA LEU A 310 17.86 -28.45 -37.32
C LEU A 310 18.59 -29.34 -36.31
N TYR A 311 17.89 -30.35 -35.79
CA TYR A 311 18.48 -31.25 -34.81
C TYR A 311 19.60 -32.12 -35.37
N ASN A 312 20.62 -31.48 -35.94
CA ASN A 312 21.75 -32.21 -36.51
C ASN A 312 22.79 -32.46 -35.41
N PHE A 313 23.91 -33.06 -35.78
CA PHE A 313 24.98 -33.36 -34.82
C PHE A 313 25.55 -32.10 -34.18
N SER A 314 25.97 -31.15 -35.01
CA SER A 314 26.54 -29.89 -34.54
C SER A 314 25.65 -29.20 -33.51
N PHE A 315 24.42 -28.91 -33.91
CA PHE A 315 23.46 -28.24 -33.03
C PHE A 315 23.43 -28.85 -31.64
N LEU A 316 22.98 -30.10 -31.55
CA LEU A 316 22.90 -30.80 -30.27
C LEU A 316 24.12 -30.57 -29.39
N ASN A 317 25.30 -30.50 -30.01
CA ASN A 317 26.54 -30.27 -29.27
C ASN A 317 26.66 -28.81 -28.86
N GLN A 318 26.43 -27.91 -29.82
CA GLN A 318 26.51 -26.48 -29.57
C GLN A 318 25.67 -26.11 -28.34
N MET A 319 24.54 -26.80 -28.17
CA MET A 319 23.66 -26.57 -27.04
C MET A 319 24.28 -27.19 -25.80
N GLU A 320 24.80 -28.41 -25.97
CA GLU A 320 25.44 -29.12 -24.86
C GLU A 320 26.57 -28.26 -24.29
N ASN A 321 27.19 -27.48 -25.17
CA ASN A 321 28.29 -26.60 -24.77
C ASN A 321 27.74 -25.33 -24.15
N PHE A 322 26.68 -24.80 -24.75
CA PHE A 322 26.04 -23.59 -24.25
C PHE A 322 25.75 -23.75 -22.76
N LEU A 323 24.85 -24.67 -22.45
CA LEU A 323 24.48 -24.94 -21.06
C LEU A 323 25.71 -25.29 -20.25
N LYS A 324 26.71 -25.88 -20.91
CA LYS A 324 27.95 -26.27 -20.25
C LYS A 324 28.64 -25.06 -19.62
N GLU A 325 28.99 -24.10 -20.46
CA GLU A 325 29.67 -22.89 -20.00
C GLU A 325 28.81 -22.10 -19.03
N ARG A 326 27.49 -22.21 -19.16
CA ARG A 326 26.56 -21.50 -18.29
C ARG A 326 26.53 -22.10 -16.90
N THR A 327 26.32 -23.41 -16.82
CA THR A 327 26.26 -24.11 -15.54
C THR A 327 27.20 -25.32 -15.53
N PRO A 328 28.51 -25.07 -15.36
CA PRO A 328 29.55 -26.11 -15.33
C PRO A 328 29.39 -27.18 -14.25
N TYR A 329 28.76 -26.83 -13.13
CA TYR A 329 28.59 -27.77 -12.04
C TYR A 329 27.23 -28.46 -11.96
N VAL A 330 26.46 -28.40 -13.03
CA VAL A 330 25.15 -29.04 -13.04
C VAL A 330 25.31 -30.56 -13.09
N ASP A 331 24.54 -31.25 -12.26
CA ASP A 331 24.59 -32.71 -12.18
C ASP A 331 24.60 -33.30 -13.59
N GLU A 332 23.55 -33.00 -14.35
CA GLU A 332 23.42 -33.48 -15.72
C GLU A 332 22.75 -32.40 -16.56
N ARG A 333 23.19 -32.28 -17.82
CA ARG A 333 22.64 -31.29 -18.74
C ARG A 333 21.80 -31.97 -19.82
N PRO A 334 20.52 -32.25 -19.50
CA PRO A 334 19.61 -32.90 -20.43
C PRO A 334 19.13 -32.01 -21.57
N ILE A 335 19.96 -31.89 -22.61
CA ILE A 335 19.59 -31.08 -23.77
C ILE A 335 18.60 -31.90 -24.59
N ALA A 336 17.38 -32.02 -24.08
CA ALA A 336 16.34 -32.80 -24.74
C ALA A 336 15.54 -32.03 -25.79
N PRO A 337 15.72 -32.38 -27.07
CA PRO A 337 15.01 -31.71 -28.17
C PRO A 337 13.69 -32.42 -28.50
N TYR A 338 12.60 -31.68 -28.52
CA TYR A 338 11.30 -32.26 -28.83
C TYR A 338 10.79 -31.77 -30.18
N VAL A 339 9.75 -32.42 -30.69
CA VAL A 339 9.17 -32.05 -31.96
C VAL A 339 7.65 -32.00 -31.86
N ASN A 340 7.05 -30.96 -32.43
CA ASN A 340 5.60 -30.80 -32.39
C ASN A 340 5.02 -31.05 -33.79
N LYS A 341 4.20 -32.08 -33.91
CA LYS A 341 3.60 -32.42 -35.19
C LYS A 341 2.46 -31.46 -35.55
N HIS A 342 1.49 -31.34 -34.65
CA HIS A 342 0.33 -30.47 -34.86
C HIS A 342 0.76 -29.01 -34.74
N THR A 343 1.54 -28.55 -35.71
CA THR A 343 2.04 -27.18 -35.74
C THR A 343 1.37 -26.35 -36.83
N THR A 344 1.27 -25.05 -36.60
CA THR A 344 0.67 -24.13 -37.57
C THR A 344 1.74 -23.71 -38.57
N LYS A 345 1.42 -23.78 -39.85
CA LYS A 345 2.37 -23.40 -40.89
C LYS A 345 2.84 -21.96 -40.74
N LYS A 346 2.12 -21.17 -39.96
CA LYS A 346 2.48 -19.78 -39.73
C LYS A 346 3.69 -19.75 -38.80
N GLU A 347 3.69 -20.62 -37.80
CA GLU A 347 4.78 -20.72 -36.85
C GLU A 347 5.60 -21.96 -37.20
N GLU A 348 5.66 -22.26 -38.49
CA GLU A 348 6.39 -23.40 -39.01
C GLU A 348 7.90 -23.24 -38.90
N ASP A 349 8.38 -22.04 -39.26
CA ASP A 349 9.82 -21.76 -39.20
C ASP A 349 10.24 -21.23 -37.84
N ILE A 350 9.49 -21.59 -36.79
CA ILE A 350 9.82 -21.13 -35.45
C ILE A 350 10.47 -22.22 -34.60
N VAL A 351 11.49 -21.83 -33.84
CA VAL A 351 12.21 -22.73 -32.96
C VAL A 351 12.18 -22.15 -31.56
N LYS A 352 11.39 -22.76 -30.68
CA LYS A 352 11.25 -22.28 -29.31
C LYS A 352 12.22 -22.95 -28.35
N PHE A 353 12.61 -22.22 -27.30
CA PHE A 353 13.52 -22.74 -26.29
C PHE A 353 12.87 -22.66 -24.91
N TYR A 354 13.19 -23.63 -24.06
CA TYR A 354 12.65 -23.67 -22.70
C TYR A 354 13.71 -24.24 -21.77
N SER A 355 14.18 -23.42 -20.83
CA SER A 355 15.21 -23.85 -19.89
C SER A 355 14.73 -23.67 -18.46
N VAL A 356 15.26 -24.49 -17.56
CA VAL A 356 14.90 -24.43 -16.15
C VAL A 356 16.14 -24.63 -15.28
N VAL A 357 16.65 -23.55 -14.71
CA VAL A 357 17.83 -23.60 -13.86
C VAL A 357 17.44 -23.50 -12.38
N ALA A 358 17.77 -24.53 -11.61
CA ALA A 358 17.44 -24.56 -10.18
C ALA A 358 18.68 -24.59 -9.31
N GLY A 359 18.46 -24.57 -7.99
CA GLY A 359 19.57 -24.59 -7.05
C GLY A 359 20.42 -23.33 -7.15
N LEU A 360 19.79 -22.24 -7.56
CA LEU A 360 20.49 -20.97 -7.70
C LEU A 360 20.45 -20.13 -6.44
N PRO A 361 21.45 -19.25 -6.26
CA PRO A 361 21.54 -18.39 -5.08
C PRO A 361 20.55 -17.22 -5.19
N LEU A 362 20.58 -16.33 -4.21
CA LEU A 362 19.69 -15.18 -4.22
C LEU A 362 20.11 -14.17 -5.30
N PRO A 363 19.15 -13.68 -6.09
CA PRO A 363 19.41 -12.72 -7.16
C PRO A 363 20.02 -11.40 -6.69
N LYS A 364 20.49 -10.60 -7.65
CA LYS A 364 21.10 -9.32 -7.34
C LYS A 364 20.04 -8.32 -6.84
N ARG A 365 18.80 -8.56 -7.22
CA ARG A 365 17.70 -7.69 -6.82
C ARG A 365 17.58 -7.61 -5.30
N VAL A 366 17.54 -8.77 -4.66
CA VAL A 366 17.43 -8.82 -3.21
C VAL A 366 18.57 -8.02 -2.58
N SER A 367 19.71 -8.01 -3.27
CA SER A 367 20.88 -7.29 -2.80
C SER A 367 20.63 -5.79 -2.86
N ASP A 368 19.97 -5.35 -3.93
CA ASP A 368 19.66 -3.93 -4.12
C ASP A 368 18.65 -3.48 -3.08
N ILE A 369 17.68 -4.34 -2.78
CA ILE A 369 16.65 -4.03 -1.80
C ILE A 369 17.27 -3.85 -0.42
N ILE A 370 18.49 -4.34 -0.25
CA ILE A 370 19.20 -4.22 1.02
C ILE A 370 19.88 -2.85 1.07
N ASP A 371 20.29 -2.37 -0.09
CA ASP A 371 20.97 -1.08 -0.20
C ASP A 371 19.97 0.06 -0.09
N GLU A 372 18.82 -0.12 -0.74
CA GLU A 372 17.78 0.91 -0.72
C GLU A 372 17.28 1.13 0.71
N ILE A 373 17.33 0.09 1.52
CA ILE A 373 16.90 0.18 2.91
C ILE A 373 18.01 0.84 3.71
N THR A 374 19.25 0.56 3.34
CA THR A 374 20.40 1.13 4.03
C THR A 374 20.48 2.62 3.73
N ARG A 375 20.29 2.97 2.46
CA ARG A 375 20.34 4.37 2.04
C ARG A 375 19.42 5.20 2.92
N ILE A 376 18.19 4.73 3.07
CA ILE A 376 17.19 5.44 3.88
C ILE A 376 17.62 5.59 5.33
N LYS A 377 17.81 4.46 6.02
CA LYS A 377 18.21 4.48 7.42
C LYS A 377 19.41 5.39 7.67
N GLU A 378 20.41 5.32 6.81
CA GLU A 378 21.60 6.15 6.95
C GLU A 378 21.24 7.63 6.82
N GLU A 379 20.59 7.97 5.71
CA GLU A 379 20.19 9.35 5.47
C GLU A 379 19.25 9.87 6.56
N ARG A 380 18.43 8.99 7.12
CA ARG A 380 17.49 9.38 8.16
C ARG A 380 18.24 9.87 9.39
N GLU A 381 19.52 9.55 9.48
CA GLU A 381 20.35 9.96 10.59
C GLU A 381 21.29 11.09 10.17
N GLN A 382 21.68 11.07 8.91
CA GLN A 382 22.57 12.11 8.39
C GLN A 382 21.85 13.45 8.45
N ALA A 383 20.55 13.39 8.73
CA ALA A 383 19.73 14.58 8.83
C ALA A 383 19.61 15.04 10.28
N ASN A 384 20.03 14.18 11.21
CA ASN A 384 19.97 14.50 12.63
C ASN A 384 21.29 15.11 13.12
N GLY B 3 -18.28 25.12 -1.70
CA GLY B 3 -18.41 23.82 -2.39
C GLY B 3 -19.20 22.80 -1.59
N ASN B 4 -20.01 22.00 -2.28
CA ASN B 4 -20.82 20.98 -1.64
C ASN B 4 -20.24 19.60 -1.91
N PHE B 5 -20.29 18.72 -0.90
CA PHE B 5 -19.79 17.37 -1.03
C PHE B 5 -20.91 16.44 -1.44
N SER B 6 -22.14 16.87 -1.14
CA SER B 6 -23.35 16.12 -1.45
C SER B 6 -23.18 15.15 -2.62
N GLU B 7 -22.93 15.70 -3.80
CA GLU B 7 -22.75 14.90 -5.01
C GLU B 7 -21.84 13.69 -4.79
N ILE B 8 -20.62 13.95 -4.31
CA ILE B 8 -19.65 12.89 -4.05
C ILE B 8 -20.18 11.93 -2.99
N GLU B 9 -20.70 12.49 -1.91
CA GLU B 9 -21.24 11.70 -0.81
C GLU B 9 -22.25 10.66 -1.26
N SER B 10 -23.30 11.10 -1.96
CA SER B 10 -24.35 10.18 -2.44
C SER B 10 -23.79 8.99 -3.19
N GLN B 11 -22.57 9.12 -3.72
CA GLN B 11 -21.96 8.03 -4.47
C GLN B 11 -20.77 7.42 -3.73
N GLY B 12 -20.54 7.86 -2.50
CA GLY B 12 -19.44 7.34 -1.71
C GLY B 12 -19.76 7.22 -0.23
N ASN B 13 -18.73 7.29 0.60
CA ASN B 13 -18.90 7.18 2.05
C ASN B 13 -17.65 7.65 2.80
N ILE B 14 -17.76 7.77 4.11
CA ILE B 14 -16.65 8.19 4.94
C ILE B 14 -15.82 7.00 5.37
N SER B 15 -14.54 7.25 5.70
CA SER B 15 -13.64 6.19 6.12
C SER B 15 -13.76 5.88 7.61
N LEU B 16 -13.54 6.89 8.45
CA LEU B 16 -13.61 6.70 9.89
C LEU B 16 -14.78 7.45 10.51
N LYS B 17 -15.25 6.95 11.65
CA LYS B 17 -16.35 7.58 12.37
C LYS B 17 -15.77 8.34 13.55
N PHE B 18 -15.36 9.58 13.31
CA PHE B 18 -14.76 10.41 14.34
C PHE B 18 -15.74 10.81 15.45
N GLY B 19 -15.17 11.18 16.58
CA GLY B 19 -15.94 11.62 17.72
C GLY B 19 -15.23 12.84 18.24
N PHE B 20 -15.97 13.92 18.51
CA PHE B 20 -15.35 15.14 18.99
C PHE B 20 -15.63 15.45 20.45
N LEU B 21 -14.57 15.64 21.23
CA LEU B 21 -14.68 15.99 22.63
C LEU B 21 -14.31 17.45 22.79
N GLY B 22 -15.31 18.31 22.81
CA GLY B 22 -15.06 19.74 22.93
C GLY B 22 -14.53 20.16 24.28
N LEU B 23 -13.72 21.20 24.27
CA LEU B 23 -13.13 21.75 25.49
C LEU B 23 -13.07 23.26 25.34
N GLY B 24 -13.95 23.96 26.04
CA GLY B 24 -13.98 25.41 25.96
C GLY B 24 -14.89 25.89 24.85
N MET B 25 -15.00 27.21 24.71
CA MET B 25 -15.85 27.81 23.69
C MET B 25 -15.39 27.44 22.29
N GLY B 26 -14.07 27.45 22.07
CA GLY B 26 -13.53 27.11 20.77
C GLY B 26 -13.58 25.62 20.51
N GLY B 27 -13.14 24.84 21.49
CA GLY B 27 -13.16 23.40 21.34
C GLY B 27 -14.54 22.89 20.97
N CYS B 28 -15.56 23.40 21.65
CA CYS B 28 -16.93 23.00 21.41
C CYS B 28 -17.45 23.56 20.08
N ALA B 29 -17.23 24.85 19.86
CA ALA B 29 -17.69 25.49 18.64
C ALA B 29 -17.24 24.67 17.43
N ILE B 30 -16.02 24.13 17.52
CA ILE B 30 -15.47 23.33 16.43
C ILE B 30 -15.97 21.88 16.49
N ALA B 31 -16.03 21.33 17.69
CA ALA B 31 -16.51 19.97 17.89
C ALA B 31 -17.95 19.85 17.42
N ALA B 32 -18.73 20.90 17.65
CA ALA B 32 -20.13 20.93 17.26
C ALA B 32 -20.22 21.13 15.75
N GLU B 33 -19.46 22.08 15.25
CA GLU B 33 -19.44 22.38 13.82
C GLU B 33 -19.34 21.10 13.02
N CYS B 34 -18.48 20.19 13.46
CA CYS B 34 -18.29 18.92 12.79
C CYS B 34 -19.43 17.94 13.06
N ALA B 35 -20.02 18.03 14.24
CA ALA B 35 -21.11 17.14 14.62
C ALA B 35 -22.41 17.52 13.90
N ASN B 36 -22.66 18.82 13.76
CA ASN B 36 -23.86 19.28 13.10
C ASN B 36 -23.87 18.89 11.62
N LYS B 37 -22.71 19.03 10.98
CA LYS B 37 -22.55 18.71 9.57
C LYS B 37 -23.30 17.45 9.15
N GLU B 38 -24.21 17.58 8.20
CA GLU B 38 -24.98 16.44 7.71
C GLU B 38 -24.57 16.12 6.27
N THR B 39 -24.44 14.84 5.97
CA THR B 39 -24.04 14.41 4.64
C THR B 39 -25.11 13.57 3.94
N GLN B 40 -25.07 13.56 2.61
CA GLN B 40 -26.02 12.79 1.82
C GLN B 40 -25.65 11.32 1.80
N ILE B 41 -24.78 10.91 2.71
CA ILE B 41 -24.35 9.52 2.79
C ILE B 41 -25.50 8.66 3.30
N LYS B 42 -25.91 7.70 2.49
CA LYS B 42 -27.00 6.80 2.83
C LYS B 42 -26.72 6.13 4.19
N ASN B 43 -27.68 6.26 5.11
CA ASN B 43 -27.55 5.66 6.43
C ASN B 43 -26.44 6.31 7.26
N ASN B 44 -26.23 7.61 7.04
CA ASN B 44 -25.20 8.36 7.77
C ASN B 44 -25.35 9.85 7.49
N LYS B 45 -26.50 10.41 7.86
CA LYS B 45 -26.75 11.83 7.64
C LYS B 45 -25.89 12.64 8.60
N TYR B 46 -25.79 12.18 9.83
CA TYR B 46 -24.98 12.85 10.86
C TYR B 46 -23.97 11.84 11.41
N PRO B 47 -23.04 11.37 10.56
CA PRO B 47 -22.02 10.40 10.92
C PRO B 47 -21.08 10.80 12.06
N TYR B 48 -21.12 12.08 12.46
CA TYR B 48 -20.26 12.53 13.53
C TYR B 48 -20.99 12.88 14.81
N ARG B 49 -20.48 12.37 15.93
CA ARG B 49 -21.07 12.62 17.24
C ARG B 49 -20.04 13.39 18.05
N ALA B 50 -20.50 14.15 19.05
CA ALA B 50 -19.59 14.93 19.86
C ALA B 50 -20.10 15.19 21.28
N ILE B 51 -19.18 15.58 22.16
CA ILE B 51 -19.51 15.88 23.55
C ILE B 51 -18.86 17.21 23.91
N LEU B 52 -19.67 18.25 24.01
CA LEU B 52 -19.19 19.59 24.34
C LEU B 52 -19.11 19.80 25.84
N VAL B 53 -17.94 20.18 26.32
CA VAL B 53 -17.71 20.43 27.74
C VAL B 53 -17.18 21.83 27.95
N ASN B 54 -18.01 22.70 28.52
CA ASN B 54 -17.60 24.08 28.76
C ASN B 54 -18.44 24.72 29.86
N THR B 55 -18.12 25.96 30.20
CA THR B 55 -18.84 26.68 31.25
C THR B 55 -20.01 27.49 30.66
N ASN B 56 -21.14 27.48 31.36
CA ASN B 56 -22.33 28.20 30.91
C ASN B 56 -22.03 29.61 30.42
N SER B 57 -22.70 30.01 29.36
CA SER B 57 -22.52 31.33 28.77
C SER B 57 -23.67 31.69 27.83
N GLN B 58 -23.97 32.98 27.75
CA GLN B 58 -25.04 33.48 26.88
C GLN B 58 -24.74 33.11 25.44
N ASP B 59 -23.46 33.13 25.08
CA ASP B 59 -23.03 32.80 23.73
C ASP B 59 -22.87 31.29 23.59
N PHE B 60 -22.55 30.63 24.70
CA PHE B 60 -22.37 29.19 24.70
C PHE B 60 -23.66 28.46 24.32
N ASN B 61 -24.69 28.66 25.13
CA ASN B 61 -25.97 28.04 24.88
C ASN B 61 -26.49 28.41 23.49
N LYS B 62 -25.95 29.50 22.95
CA LYS B 62 -26.36 29.98 21.64
C LYS B 62 -25.93 29.02 20.54
N ILE B 63 -24.99 28.13 20.86
CA ILE B 63 -24.51 27.15 19.89
C ILE B 63 -25.61 26.15 19.57
N GLU B 64 -26.25 26.33 18.41
CA GLU B 64 -27.34 25.46 17.99
C GLU B 64 -26.82 24.07 17.65
N ILE B 65 -27.69 23.07 17.79
CA ILE B 65 -27.34 21.69 17.50
C ILE B 65 -28.29 21.16 16.43
N LYS B 66 -27.86 21.26 15.18
CA LYS B 66 -28.66 20.83 14.03
C LYS B 66 -29.11 19.37 14.11
N ASN B 67 -28.47 18.58 14.98
CA ASN B 67 -28.80 17.18 15.11
C ASN B 67 -28.92 16.70 16.56
N THR B 68 -30.03 16.04 16.87
CA THR B 68 -30.28 15.54 18.22
C THR B 68 -29.53 14.24 18.50
N GLY B 69 -29.26 14.00 19.78
CA GLY B 69 -28.55 12.79 20.18
C GLY B 69 -27.06 12.79 19.95
N ASN B 70 -26.66 13.02 18.70
CA ASN B 70 -25.24 13.04 18.33
C ASN B 70 -24.44 14.01 19.21
N VAL B 71 -25.00 15.20 19.43
CA VAL B 71 -24.34 16.22 20.23
C VAL B 71 -24.85 16.26 21.67
N ARG B 72 -23.93 16.28 22.61
CA ARG B 72 -24.26 16.34 24.04
C ARG B 72 -23.44 17.45 24.68
N LYS B 73 -24.06 18.19 25.60
CA LYS B 73 -23.36 19.28 26.27
C LYS B 73 -23.26 19.07 27.77
N ILE B 74 -22.03 19.14 28.28
CA ILE B 74 -21.76 18.99 29.70
C ILE B 74 -21.22 20.31 30.23
N GLN B 75 -22.04 21.01 31.02
CA GLN B 75 -21.66 22.31 31.57
C GLN B 75 -20.80 22.18 32.82
N LEU B 76 -20.08 23.25 33.14
CA LEU B 76 -19.22 23.30 34.32
C LEU B 76 -19.82 24.27 35.32
N GLU B 77 -20.63 23.72 36.24
CA GLU B 77 -21.30 24.52 37.26
C GLU B 77 -20.34 25.17 38.25
N GLY B 78 -20.43 26.49 38.36
CA GLY B 78 -19.59 27.24 39.29
C GLY B 78 -18.12 27.36 38.95
N TYR B 79 -17.81 27.54 37.67
CA TYR B 79 -16.42 27.68 37.25
C TYR B 79 -16.25 28.72 36.15
N GLU B 80 -17.29 29.52 35.92
CA GLU B 80 -17.24 30.55 34.89
C GLU B 80 -16.26 31.66 35.27
N GLN B 81 -14.98 31.44 35.00
CA GLN B 81 -13.95 32.40 35.31
C GLN B 81 -13.43 33.04 34.02
N GLY B 82 -14.34 33.65 33.28
CA GLY B 82 -13.99 34.28 32.02
C GLY B 82 -12.74 35.14 32.02
N ALA B 83 -12.84 36.32 32.63
CA ALA B 83 -11.72 37.25 32.70
C ALA B 83 -10.45 36.60 33.23
N ALA B 84 -10.60 35.52 34.00
CA ALA B 84 -9.46 34.82 34.57
C ALA B 84 -8.58 34.15 33.52
N ARG B 85 -9.18 33.29 32.71
CA ARG B 85 -8.47 32.56 31.67
C ARG B 85 -7.39 31.67 32.27
N ASN B 86 -7.54 31.33 33.55
CA ASN B 86 -6.59 30.47 34.26
C ASN B 86 -6.83 29.02 33.90
N PRO B 87 -5.75 28.27 33.61
CA PRO B 87 -5.83 26.86 33.25
C PRO B 87 -6.28 25.93 34.37
N GLN B 88 -5.63 26.02 35.53
CA GLN B 88 -5.96 25.18 36.68
C GLN B 88 -7.45 25.15 36.97
N VAL B 89 -8.11 26.28 36.83
CA VAL B 89 -9.55 26.37 37.08
C VAL B 89 -10.27 25.24 36.36
N GLY B 90 -10.23 25.26 35.04
CA GLY B 90 -10.88 24.23 34.27
C GLY B 90 -10.20 22.88 34.45
N GLU B 91 -8.89 22.92 34.69
CA GLU B 91 -8.12 21.70 34.90
C GLU B 91 -8.73 20.87 36.02
N GLU B 92 -8.93 21.50 37.17
CA GLU B 92 -9.51 20.82 38.31
C GLU B 92 -11.02 20.67 38.09
N ALA B 93 -11.59 21.64 37.39
CA ALA B 93 -13.02 21.62 37.09
C ALA B 93 -13.36 20.34 36.34
N PHE B 94 -12.43 19.88 35.51
CA PHE B 94 -12.63 18.66 34.74
C PHE B 94 -12.71 17.48 35.70
N VAL B 95 -11.82 17.47 36.69
CA VAL B 95 -11.78 16.41 37.68
C VAL B 95 -13.05 16.47 38.54
N LYS B 96 -13.66 17.64 38.59
CA LYS B 96 -14.88 17.86 39.36
C LYS B 96 -16.04 17.09 38.76
N HIS B 97 -16.33 17.37 37.49
CA HIS B 97 -17.43 16.72 36.79
C HIS B 97 -16.91 15.58 35.93
N GLU B 98 -15.79 14.99 36.36
CA GLU B 98 -15.17 13.89 35.64
C GLU B 98 -16.12 12.71 35.48
N THR B 99 -17.14 12.66 36.33
CA THR B 99 -18.11 11.56 36.29
C THR B 99 -19.00 11.67 35.06
N LYS B 100 -19.69 12.81 34.93
CA LYS B 100 -20.58 13.02 33.79
C LYS B 100 -19.82 13.01 32.48
N ILE B 101 -18.53 13.31 32.53
CA ILE B 101 -17.70 13.31 31.33
C ILE B 101 -17.63 11.91 30.74
N PHE B 102 -16.92 11.01 31.43
CA PHE B 102 -16.78 9.63 30.97
C PHE B 102 -18.14 8.97 30.87
N GLU B 103 -19.11 9.52 31.59
CA GLU B 103 -20.48 8.99 31.57
C GLU B 103 -21.06 9.18 30.18
N ALA B 104 -20.61 10.21 29.49
CA ALA B 104 -21.07 10.52 28.14
C ALA B 104 -20.14 9.89 27.10
N VAL B 105 -18.85 9.88 27.40
CA VAL B 105 -17.86 9.31 26.50
C VAL B 105 -18.17 7.84 26.26
N LYS B 106 -18.24 7.07 27.34
CA LYS B 106 -18.53 5.64 27.26
C LYS B 106 -19.87 5.35 26.59
N GLN B 107 -20.73 6.36 26.49
CA GLN B 107 -22.04 6.18 25.88
C GLN B 107 -22.12 6.75 24.46
N GLU B 108 -21.81 8.02 24.31
CA GLU B 108 -21.86 8.69 23.03
C GLU B 108 -20.81 8.18 22.04
N PHE B 109 -19.68 7.69 22.57
CA PHE B 109 -18.61 7.20 21.71
C PHE B 109 -18.44 5.68 21.77
N GLU B 110 -19.52 4.94 21.50
CA GLU B 110 -19.45 3.49 21.53
C GLU B 110 -18.94 2.88 20.24
N ASP B 111 -19.23 3.52 19.11
CA ASP B 111 -18.78 3.00 17.82
C ASP B 111 -17.91 3.99 17.06
N ARG B 112 -17.24 4.88 17.80
CA ARG B 112 -16.36 5.87 17.18
C ARG B 112 -15.00 5.27 16.85
N ASP B 113 -14.64 5.26 15.58
CA ASP B 113 -13.36 4.72 15.15
C ASP B 113 -12.22 5.54 15.76
N PHE B 114 -12.42 6.85 15.83
CA PHE B 114 -11.42 7.76 16.37
C PHE B 114 -12.08 8.92 17.09
N ILE B 115 -11.35 9.55 18.00
CA ILE B 115 -11.87 10.69 18.76
C ILE B 115 -10.90 11.86 18.80
N TRP B 116 -11.38 13.05 18.47
CA TRP B 116 -10.56 14.25 18.47
C TRP B 116 -10.83 15.14 19.68
N ILE B 117 -9.86 15.23 20.58
CA ILE B 117 -10.01 16.07 21.76
C ILE B 117 -9.84 17.52 21.30
N THR B 118 -10.85 18.03 20.60
CA THR B 118 -10.83 19.38 20.07
C THR B 118 -10.67 20.41 21.19
N CYS B 119 -9.86 21.42 20.94
CA CYS B 119 -9.61 22.48 21.92
C CYS B 119 -8.88 23.66 21.31
N GLY B 120 -9.24 24.86 21.74
CA GLY B 120 -8.61 26.06 21.23
C GLY B 120 -7.51 26.54 22.16
N LEU B 121 -6.28 26.09 21.91
CA LEU B 121 -5.14 26.46 22.73
C LEU B 121 -5.07 27.97 22.96
N GLY B 122 -5.09 28.38 24.23
CA GLY B 122 -5.02 29.79 24.55
C GLY B 122 -5.90 30.20 25.73
N GLY B 123 -7.16 29.78 25.71
CA GLY B 123 -8.07 30.13 26.78
C GLY B 123 -7.70 29.49 28.10
N GLY B 124 -8.66 29.45 29.02
CA GLY B 124 -8.40 28.85 30.32
C GLY B 124 -9.26 27.64 30.58
N THR B 125 -10.56 27.78 30.32
CA THR B 125 -11.50 26.69 30.53
C THR B 125 -11.14 25.45 29.70
N GLY B 126 -10.83 25.68 28.43
CA GLY B 126 -10.48 24.56 27.56
C GLY B 126 -9.02 24.17 27.64
N THR B 127 -8.13 25.16 27.51
CA THR B 127 -6.70 24.91 27.57
C THR B 127 -6.30 24.19 28.85
N GLY B 128 -7.09 24.39 29.90
CA GLY B 128 -6.79 23.77 31.18
C GLY B 128 -7.16 22.29 31.24
N ALA B 129 -8.45 22.01 31.08
CA ALA B 129 -8.95 20.64 31.13
C ALA B 129 -8.47 19.82 29.93
N LEU B 130 -7.37 20.24 29.31
CA LEU B 130 -6.84 19.54 28.16
C LEU B 130 -6.02 18.32 28.57
N LEU B 131 -4.99 18.54 29.38
CA LEU B 131 -4.14 17.46 29.85
C LEU B 131 -4.92 16.40 30.62
N LYS B 132 -5.96 16.83 31.31
CA LYS B 132 -6.80 15.92 32.09
C LYS B 132 -7.74 15.11 31.20
N ALA B 133 -8.11 15.70 30.07
CA ALA B 133 -9.00 15.02 29.13
C ALA B 133 -8.23 13.94 28.38
N ILE B 134 -7.01 14.29 27.98
CA ILE B 134 -6.14 13.36 27.26
C ILE B 134 -5.91 12.11 28.10
N GLU B 135 -5.42 12.33 29.32
CA GLU B 135 -5.13 11.23 30.24
C GLU B 135 -6.35 10.35 30.47
N MET B 136 -7.54 10.93 30.33
CA MET B 136 -8.78 10.18 30.52
C MET B 136 -8.96 9.12 29.44
N LEU B 137 -9.18 9.57 28.21
CA LEU B 137 -9.37 8.66 27.08
C LEU B 137 -8.23 7.66 26.97
N TYR B 138 -7.05 8.05 27.42
CA TYR B 138 -5.88 7.18 27.36
C TYR B 138 -6.02 5.97 28.27
N GLU B 139 -6.19 6.21 29.56
CA GLU B 139 -6.34 5.14 30.54
C GLU B 139 -7.47 4.18 30.17
N HIS B 140 -8.60 4.72 29.73
CA HIS B 140 -9.74 3.89 29.35
C HIS B 140 -9.54 3.26 27.98
N ASP B 141 -8.31 3.35 27.48
CA ASP B 141 -7.95 2.78 26.18
C ASP B 141 -8.86 3.27 25.06
N TYR B 142 -8.46 4.36 24.41
CA TYR B 142 -9.23 4.94 23.31
C TYR B 142 -8.28 5.50 22.26
N ASN B 143 -8.70 5.47 20.99
CA ASN B 143 -7.89 6.00 19.90
C ASN B 143 -8.26 7.47 19.75
N PHE B 144 -7.41 8.35 20.28
CA PHE B 144 -7.67 9.78 20.22
C PHE B 144 -6.54 10.60 19.64
N GLY B 145 -6.89 11.79 19.15
CA GLY B 145 -5.92 12.70 18.57
C GLY B 145 -6.12 14.07 19.18
N LEU B 146 -5.55 15.09 18.58
CA LEU B 146 -5.70 16.45 19.11
C LEU B 146 -6.01 17.48 18.03
N LEU B 147 -7.24 17.95 18.02
CA LEU B 147 -7.66 18.97 17.07
C LEU B 147 -7.51 20.30 17.78
N LEU B 148 -6.30 20.85 17.74
CA LEU B 148 -6.00 22.11 18.42
C LEU B 148 -5.90 23.31 17.47
N THR B 149 -6.12 24.49 18.04
CA THR B 149 -6.05 25.74 17.27
C THR B 149 -5.16 26.74 18.02
N LEU B 150 -4.03 27.09 17.41
CA LEU B 150 -3.10 28.03 18.01
C LEU B 150 -3.67 29.45 18.00
N PRO B 151 -3.39 30.21 19.06
CA PRO B 151 -3.87 31.59 19.20
C PRO B 151 -3.20 32.57 18.23
N ARG B 152 -3.53 33.85 18.39
CA ARG B 152 -2.97 34.90 17.55
C ARG B 152 -2.17 35.89 18.38
N ASP B 153 -1.46 36.79 17.71
CA ASP B 153 -0.65 37.79 18.41
C ASP B 153 -1.52 38.91 18.95
N ALA B 154 -2.57 39.25 18.21
CA ALA B 154 -3.48 40.31 18.61
C ALA B 154 -4.33 39.91 19.81
N GLU B 155 -3.87 38.92 20.55
CA GLU B 155 -4.60 38.45 21.72
C GLU B 155 -3.76 38.64 22.98
N ALA B 156 -4.41 38.54 24.14
CA ALA B 156 -3.74 38.71 25.42
C ALA B 156 -2.51 37.81 25.59
N LEU B 157 -1.53 38.31 26.32
CA LEU B 157 -0.30 37.56 26.57
C LEU B 157 -0.65 36.27 27.30
N LYS B 158 -1.67 36.36 28.16
CA LYS B 158 -2.13 35.21 28.94
C LYS B 158 -2.44 34.07 27.98
N VAL B 159 -3.33 34.33 27.04
CA VAL B 159 -3.74 33.34 26.03
C VAL B 159 -2.53 32.61 25.43
N LEU B 160 -1.64 33.37 24.81
CA LEU B 160 -0.45 32.81 24.19
C LEU B 160 0.30 31.87 25.12
N GLU B 161 0.57 32.34 26.33
CA GLU B 161 1.29 31.56 27.32
C GLU B 161 0.55 30.27 27.65
N ASN B 162 -0.76 30.38 27.86
CA ASN B 162 -1.57 29.21 28.18
C ASN B 162 -1.41 28.13 27.13
N ALA B 163 -1.20 28.55 25.88
CA ALA B 163 -1.03 27.62 24.77
C ALA B 163 0.42 27.11 24.74
N THR B 164 1.37 28.02 24.84
CA THR B 164 2.78 27.65 24.82
C THR B 164 3.14 26.69 25.95
N SER B 165 2.46 26.85 27.10
CA SER B 165 2.71 25.99 28.25
C SER B 165 2.27 24.56 27.94
N ARG B 166 1.11 24.44 27.32
CA ARG B 166 0.58 23.13 26.96
C ARG B 166 1.28 22.53 25.75
N ILE B 167 1.59 23.37 24.76
CA ILE B 167 2.28 22.90 23.57
C ILE B 167 3.58 22.21 23.97
N ARG B 168 4.26 22.78 24.97
CA ARG B 168 5.51 22.23 25.47
C ARG B 168 5.25 20.84 26.06
N SER B 169 4.31 20.78 27.00
CA SER B 169 3.95 19.52 27.65
C SER B 169 3.49 18.49 26.63
N ILE B 170 2.62 18.92 25.71
CA ILE B 170 2.10 18.03 24.68
C ILE B 170 3.22 17.36 23.88
N ALA B 171 4.19 18.15 23.45
CA ALA B 171 5.32 17.63 22.68
C ALA B 171 6.00 16.48 23.41
N MET B 172 6.19 16.64 24.72
CA MET B 172 6.83 15.61 25.53
C MET B 172 5.94 14.39 25.72
N ASN B 173 4.69 14.50 25.31
CA ASN B 173 3.73 13.40 25.46
C ASN B 173 3.04 13.05 24.14
N GLN B 174 3.49 13.66 23.04
CA GLN B 174 2.90 13.41 21.74
C GLN B 174 2.88 11.91 21.42
N GLU B 175 3.86 11.20 21.95
CA GLU B 175 3.98 9.76 21.73
C GLU B 175 2.88 8.98 22.46
N ALA B 176 2.46 9.50 23.61
CA ALA B 176 1.43 8.85 24.40
C ALA B 176 0.08 8.73 23.69
N PHE B 177 -0.11 9.47 22.61
CA PHE B 177 -1.37 9.43 21.88
C PHE B 177 -1.24 9.52 20.36
N GLY B 178 -2.39 9.68 19.71
CA GLY B 178 -2.41 9.76 18.25
C GLY B 178 -1.80 11.02 17.65
N SER B 179 -2.27 11.39 16.47
CA SER B 179 -1.77 12.55 15.75
C SER B 179 -2.28 13.87 16.32
N ILE B 180 -1.57 14.95 16.01
CA ILE B 180 -1.93 16.28 16.49
C ILE B 180 -2.17 17.22 15.31
N VAL B 181 -3.43 17.35 14.91
CA VAL B 181 -3.78 18.22 13.79
C VAL B 181 -3.83 19.68 14.25
N LEU B 182 -2.75 20.41 13.98
CA LEU B 182 -2.67 21.81 14.37
C LEU B 182 -3.42 22.73 13.41
N ILE B 183 -4.04 23.77 13.97
CA ILE B 183 -4.79 24.73 13.19
C ILE B 183 -4.32 26.15 13.51
N ASP B 184 -3.67 26.79 12.54
CA ASP B 184 -3.17 28.14 12.74
C ASP B 184 -4.26 29.17 12.44
N ASN B 185 -4.72 29.85 13.48
CA ASN B 185 -5.77 30.86 13.33
C ASN B 185 -5.28 32.06 12.54
N ALA B 186 -4.05 32.49 12.82
CA ALA B 186 -3.47 33.63 12.11
C ALA B 186 -3.49 33.36 10.61
N LYS B 187 -3.15 32.12 10.26
CA LYS B 187 -3.11 31.69 8.87
C LYS B 187 -4.48 31.75 8.21
N LEU B 188 -5.47 31.16 8.87
CA LEU B 188 -6.82 31.13 8.35
C LEU B 188 -7.43 32.53 8.37
N TYR B 189 -7.13 33.30 9.42
CA TYR B 189 -7.65 34.65 9.54
C TYR B 189 -7.11 35.49 8.40
N ARG B 190 -5.81 35.37 8.13
CA ARG B 190 -5.19 36.10 7.05
C ARG B 190 -5.97 35.76 5.78
N LYS B 191 -6.26 34.48 5.62
CA LYS B 191 -7.00 33.96 4.47
C LYS B 191 -8.45 34.43 4.52
N PHE B 192 -8.93 34.73 5.74
CA PHE B 192 -10.31 35.19 5.92
C PHE B 192 -10.52 36.53 5.23
N GLU B 193 -9.68 37.50 5.58
CA GLU B 193 -9.78 38.84 5.00
C GLU B 193 -9.53 38.79 3.50
N GLU B 194 -8.77 37.79 3.05
CA GLU B 194 -8.44 37.63 1.64
C GLU B 194 -9.65 37.45 0.74
N GLU B 195 -10.59 36.62 1.15
CA GLU B 195 -11.78 36.35 0.35
C GLU B 195 -13.09 36.88 0.91
N ASN B 196 -13.04 37.50 2.08
CA ASN B 196 -14.24 38.05 2.69
C ASN B 196 -14.03 39.52 3.10
N PRO B 197 -13.64 40.37 2.13
CA PRO B 197 -13.41 41.79 2.39
C PRO B 197 -14.65 42.47 2.99
N SER B 198 -14.42 43.58 3.69
CA SER B 198 -15.50 44.33 4.31
C SER B 198 -16.51 43.40 4.97
N ALA B 199 -16.00 42.44 5.74
CA ALA B 199 -16.85 41.49 6.44
C ALA B 199 -16.49 41.50 7.92
N LEU B 200 -17.51 41.58 8.76
CA LEU B 200 -17.30 41.60 10.21
C LEU B 200 -16.32 40.52 10.65
N ALA B 201 -15.39 40.90 11.52
CA ALA B 201 -14.38 39.97 12.01
C ALA B 201 -15.00 38.84 12.83
N ASN B 202 -16.05 39.15 13.59
CA ASN B 202 -16.71 38.14 14.42
C ASN B 202 -17.19 36.96 13.58
N GLU B 203 -17.25 37.14 12.27
CA GLU B 203 -17.70 36.07 11.38
C GLU B 203 -16.56 35.12 11.05
N TYR B 204 -15.34 35.48 11.44
CA TYR B 204 -14.17 34.65 11.19
C TYR B 204 -14.37 33.25 11.76
N THR B 205 -14.72 33.18 13.04
CA THR B 205 -14.94 31.91 13.71
C THR B 205 -15.82 30.98 12.88
N SER B 206 -17.02 31.44 12.54
CA SER B 206 -17.93 30.63 11.75
C SER B 206 -17.24 30.11 10.48
N TYR B 207 -16.39 30.95 9.89
CA TYR B 207 -15.66 30.58 8.69
C TYR B 207 -14.58 29.54 8.97
N SER B 208 -13.65 29.86 9.85
CA SER B 208 -12.58 28.93 10.19
C SER B 208 -13.16 27.59 10.57
N ASN B 209 -14.04 27.59 11.57
CA ASN B 209 -14.69 26.36 12.03
C ASN B 209 -15.28 25.61 10.84
N LYS B 210 -15.96 26.32 9.96
CA LYS B 210 -16.56 25.71 8.78
C LYS B 210 -15.44 25.08 7.96
N TYR B 211 -14.41 25.87 7.72
CA TYR B 211 -13.24 25.44 6.95
C TYR B 211 -12.61 24.19 7.56
N ILE B 212 -12.40 24.23 8.87
CA ILE B 212 -11.80 23.11 9.60
C ILE B 212 -12.64 21.85 9.46
N ALA B 213 -13.95 22.00 9.64
CA ALA B 213 -14.85 20.86 9.51
C ALA B 213 -14.72 20.29 8.11
N ASP B 214 -14.97 21.13 7.11
CA ASP B 214 -14.89 20.72 5.71
C ASP B 214 -13.58 20.00 5.43
N ALA B 215 -12.51 20.44 6.10
CA ALA B 215 -11.19 19.85 5.91
C ALA B 215 -11.16 18.37 6.27
N LEU B 216 -11.44 18.06 7.53
CA LEU B 216 -11.44 16.68 8.00
C LEU B 216 -12.42 15.80 7.24
N HIS B 217 -13.61 16.33 6.99
CA HIS B 217 -14.64 15.56 6.28
C HIS B 217 -14.18 15.20 4.87
N GLU B 218 -13.72 16.21 4.13
CA GLU B 218 -13.24 15.99 2.76
C GLU B 218 -12.16 14.92 2.67
N ILE B 219 -11.10 15.09 3.45
CA ILE B 219 -10.00 14.12 3.43
C ILE B 219 -10.46 12.74 3.89
N ASN B 220 -11.44 12.71 4.79
CA ASN B 220 -11.96 11.44 5.30
C ASN B 220 -12.90 10.78 4.30
N LEU B 221 -13.63 11.61 3.55
CA LEU B 221 -14.57 11.11 2.56
C LEU B 221 -13.83 10.54 1.35
N VAL B 222 -12.87 11.30 0.84
CA VAL B 222 -12.09 10.88 -0.32
C VAL B 222 -11.46 9.50 -0.16
N THR B 223 -10.87 9.25 1.01
CA THR B 223 -10.21 7.97 1.28
C THR B 223 -11.15 6.78 1.35
N SER B 224 -12.27 6.87 0.63
CA SER B 224 -13.26 5.79 0.59
C SER B 224 -14.55 6.29 -0.04
N SER B 225 -14.43 6.98 -1.18
CA SER B 225 -15.59 7.51 -1.88
C SER B 225 -15.38 7.46 -3.39
N PHE B 226 -14.15 7.12 -3.79
CA PHE B 226 -13.81 7.03 -5.21
C PHE B 226 -13.19 5.67 -5.51
N THR B 227 -13.47 5.15 -6.70
CA THR B 227 -12.93 3.86 -7.09
C THR B 227 -11.44 3.96 -7.43
N PRO B 228 -10.61 3.08 -6.86
CA PRO B 228 -9.17 3.09 -7.12
C PRO B 228 -8.86 2.87 -8.60
N PHE B 229 -7.67 3.30 -9.02
CA PHE B 229 -7.25 3.15 -10.41
C PHE B 229 -5.98 2.32 -10.51
N SER B 230 -5.50 1.83 -9.37
CA SER B 230 -4.29 1.01 -9.33
C SER B 230 -4.30 0.07 -8.13
N ASP B 231 -3.13 -0.48 -7.82
CA ASP B 231 -2.99 -1.39 -6.70
C ASP B 231 -2.73 -0.61 -5.42
N THR B 232 -1.98 0.48 -5.56
CA THR B 232 -1.67 1.34 -4.43
C THR B 232 -2.94 2.07 -4.02
N HIS B 233 -3.47 1.73 -2.85
CA HIS B 233 -4.70 2.35 -2.36
C HIS B 233 -4.48 3.25 -1.16
N PHE B 234 -5.35 4.25 -1.03
CA PHE B 234 -5.30 5.17 0.10
C PHE B 234 -6.71 5.17 0.71
N ASP B 235 -7.12 3.99 1.16
CA ASP B 235 -8.44 3.80 1.75
C ASP B 235 -8.46 4.16 3.23
N ALA B 236 -9.47 3.66 3.94
CA ALA B 236 -9.63 3.93 5.36
C ALA B 236 -8.52 3.28 6.17
N SER B 237 -8.25 2.00 5.90
CA SER B 237 -7.20 1.27 6.62
C SER B 237 -5.90 2.06 6.66
N GLU B 238 -5.60 2.75 5.56
CA GLU B 238 -4.38 3.54 5.47
C GLU B 238 -4.58 4.86 6.20
N PHE B 239 -5.64 5.57 5.84
CA PHE B 239 -5.97 6.85 6.45
C PHE B 239 -5.95 6.72 7.97
N ALA B 240 -6.33 5.55 8.46
CA ALA B 240 -6.36 5.28 9.89
C ALA B 240 -4.95 5.35 10.47
N GLN B 241 -3.99 4.77 9.76
CA GLN B 241 -2.61 4.77 10.20
C GLN B 241 -2.06 6.16 10.44
N VAL B 242 -2.05 6.98 9.40
CA VAL B 242 -1.54 8.35 9.50
C VAL B 242 -2.17 9.15 10.63
N ILE B 243 -3.41 8.81 10.99
CA ILE B 243 -4.09 9.53 12.07
C ILE B 243 -3.65 9.04 13.44
N ASN B 244 -3.28 7.77 13.54
CA ASN B 244 -2.84 7.19 14.81
C ASN B 244 -1.35 7.34 15.07
N THR B 245 -0.62 7.92 14.13
CA THR B 245 0.81 8.09 14.28
C THR B 245 1.13 9.34 15.12
N PRO B 246 1.91 9.16 16.20
CA PRO B 246 2.31 10.23 17.11
C PRO B 246 2.98 11.40 16.40
N GLY B 247 2.56 12.61 16.72
CA GLY B 247 3.14 13.79 16.10
C GLY B 247 2.15 14.62 15.31
N VAL B 248 2.46 15.90 15.14
CA VAL B 248 1.61 16.83 14.42
C VAL B 248 1.28 16.31 13.02
N LEU B 249 0.02 16.47 12.61
CA LEU B 249 -0.42 16.02 11.31
C LEU B 249 -0.67 17.20 10.37
N SER B 250 -0.16 17.09 9.15
CA SER B 250 -0.31 18.14 8.15
C SER B 250 -0.93 17.57 6.88
N LEU B 251 -2.01 18.19 6.43
CA LEU B 251 -2.68 17.73 5.22
C LEU B 251 -2.83 18.87 4.23
N ALA B 252 -2.63 18.56 2.95
CA ALA B 252 -2.72 19.57 1.89
C ALA B 252 -3.74 19.20 0.82
N LYS B 253 -4.00 20.14 -0.07
CA LYS B 253 -4.95 19.94 -1.15
C LYS B 253 -4.58 20.87 -2.31
N LEU B 254 -4.74 20.39 -3.54
CA LEU B 254 -4.43 21.19 -4.71
C LEU B 254 -5.31 20.82 -5.89
N GLU B 255 -5.79 21.84 -6.60
CA GLU B 255 -6.65 21.64 -7.76
C GLU B 255 -6.03 22.32 -8.98
N LEU B 256 -5.75 21.53 -10.01
CA LEU B 256 -5.15 22.04 -11.23
C LEU B 256 -5.94 21.58 -12.46
N LYS B 257 -5.74 22.29 -13.57
CA LYS B 257 -6.40 21.93 -14.82
C LYS B 257 -5.49 20.95 -15.55
N SER B 258 -6.07 20.10 -16.39
CA SER B 258 -5.27 19.13 -17.13
C SER B 258 -4.31 19.82 -18.10
N ASN B 259 -4.47 21.13 -18.24
CA ASN B 259 -3.60 21.91 -19.13
C ASN B 259 -2.36 22.35 -18.36
N GLN B 260 -2.45 22.29 -17.03
CA GLN B 260 -1.35 22.68 -16.16
C GLN B 260 -0.51 21.44 -15.84
N LEU B 261 -1.03 20.28 -16.24
CA LEU B 261 -0.35 19.02 -16.01
C LEU B 261 0.40 18.53 -17.24
N ASP B 262 1.62 19.03 -17.43
CA ASP B 262 2.43 18.64 -18.57
C ASP B 262 3.57 17.74 -18.10
N THR B 263 3.52 16.47 -18.52
CA THR B 263 4.54 15.50 -18.15
C THR B 263 5.90 15.95 -18.68
N GLU B 264 5.90 16.63 -19.82
CA GLU B 264 7.14 17.11 -20.43
C GLU B 264 7.73 18.25 -19.60
N ASN B 265 6.88 18.88 -18.79
CA ASN B 265 7.30 19.97 -17.93
C ASN B 265 6.93 19.62 -16.49
N PRO B 266 7.57 18.59 -15.92
CA PRO B 266 7.31 18.13 -14.55
C PRO B 266 7.29 19.28 -13.55
N LEU B 267 8.35 20.07 -13.56
CA LEU B 267 8.50 21.21 -12.66
C LEU B 267 7.25 22.10 -12.73
N GLY B 268 6.51 22.00 -13.83
CA GLY B 268 5.32 22.79 -14.00
C GLY B 268 4.36 22.69 -12.82
N TYR B 269 3.73 21.54 -12.67
CA TYR B 269 2.78 21.32 -11.59
C TYR B 269 3.45 20.95 -10.27
N LEU B 270 4.49 20.13 -10.35
CA LEU B 270 5.22 19.69 -9.17
C LEU B 270 5.50 20.84 -8.20
N THR B 271 5.88 21.98 -8.74
CA THR B 271 6.18 23.15 -7.91
C THR B 271 4.90 23.63 -7.23
N GLN B 272 3.81 23.61 -7.98
CA GLN B 272 2.51 24.03 -7.45
C GLN B 272 2.06 23.02 -6.39
N LEU B 273 2.41 21.76 -6.62
CA LEU B 273 2.04 20.70 -5.69
C LEU B 273 2.93 20.72 -4.45
N GLY B 274 4.20 21.05 -4.66
CA GLY B 274 5.14 21.12 -3.55
C GLY B 274 4.87 22.29 -2.63
N ASN B 275 4.72 23.47 -3.21
CA ASN B 275 4.46 24.68 -2.44
C ASN B 275 3.10 24.56 -1.75
N ALA B 276 2.12 24.02 -2.47
CA ALA B 276 0.79 23.85 -1.90
C ALA B 276 0.87 22.81 -0.79
N LEU B 277 1.92 22.00 -0.83
CA LEU B 277 2.13 20.96 0.17
C LEU B 277 2.73 21.59 1.43
N GLU B 278 3.42 22.71 1.25
CA GLU B 278 4.03 23.43 2.36
C GLU B 278 2.96 24.30 3.01
N LYS B 279 2.20 24.98 2.17
CA LYS B 279 1.12 25.85 2.65
C LYS B 279 -0.07 24.94 2.94
N GLY B 280 0.08 24.12 3.97
CA GLY B 280 -0.97 23.19 4.36
C GLY B 280 -2.34 23.84 4.49
N VAL B 281 -3.37 23.02 4.45
CA VAL B 281 -4.73 23.50 4.56
C VAL B 281 -5.01 24.16 5.91
N LEU B 282 -4.56 23.53 6.98
CA LEU B 282 -4.80 24.06 8.32
C LEU B 282 -3.65 24.87 8.91
N TYR B 283 -2.44 24.66 8.42
CA TYR B 283 -1.30 25.42 8.93
C TYR B 283 -0.10 25.30 7.99
N ASP B 284 0.80 26.28 8.07
CA ASP B 284 1.99 26.31 7.22
C ASP B 284 3.14 25.47 7.77
N THR B 285 3.98 24.97 6.86
CA THR B 285 5.12 24.15 7.22
C THR B 285 6.25 24.33 6.21
N GLU B 286 7.47 23.98 6.62
CA GLU B 286 8.64 24.10 5.76
C GLU B 286 9.07 22.73 5.27
N ARG B 287 9.96 22.70 4.27
CA ARG B 287 10.46 21.45 3.72
C ARG B 287 11.24 20.68 4.79
N GLU B 288 11.98 21.40 5.62
CA GLU B 288 12.77 20.80 6.68
C GLU B 288 11.87 19.96 7.58
N GLU B 289 10.67 20.46 7.83
CA GLU B 289 9.70 19.78 8.68
C GLU B 289 9.14 18.53 8.03
N LEU B 290 8.81 18.62 6.74
CA LEU B 290 8.24 17.51 6.00
C LEU B 290 9.13 16.26 5.99
N GLU B 291 10.38 16.44 5.56
CA GLU B 291 11.33 15.33 5.48
C GLU B 291 11.32 14.45 6.73
N SER B 292 11.09 15.08 7.89
CA SER B 292 11.05 14.36 9.16
C SER B 292 9.86 13.43 9.30
N ALA B 293 8.79 13.72 8.55
CA ALA B 293 7.57 12.92 8.59
C ALA B 293 7.83 11.43 8.69
N LYS B 294 7.16 10.77 9.64
CA LYS B 294 7.32 9.33 9.84
C LYS B 294 6.44 8.57 8.85
N LYS B 295 5.35 9.19 8.45
CA LYS B 295 4.43 8.57 7.50
C LYS B 295 3.80 9.58 6.56
N SER B 296 3.77 9.23 5.27
CA SER B 296 3.20 10.10 4.25
C SER B 296 2.14 9.36 3.44
N ALA B 297 1.49 10.07 2.54
CA ALA B 297 0.45 9.49 1.69
C ALA B 297 -0.19 10.55 0.81
N LEU B 298 -0.22 10.29 -0.49
CA LEU B 298 -0.82 11.22 -1.44
C LEU B 298 -1.84 10.53 -2.32
N SER B 299 -2.98 11.18 -2.52
CA SER B 299 -4.04 10.63 -3.34
C SER B 299 -4.26 11.55 -4.54
N ILE B 300 -4.98 11.06 -5.54
CA ILE B 300 -5.27 11.84 -6.74
C ILE B 300 -6.68 11.53 -7.21
N VAL B 301 -7.39 12.56 -7.66
CA VAL B 301 -8.76 12.39 -8.14
C VAL B 301 -9.00 13.22 -9.38
N THR B 302 -9.71 12.65 -10.35
CA THR B 302 -10.00 13.34 -11.59
C THR B 302 -11.09 12.61 -12.38
N SER B 303 -11.63 13.27 -13.39
CA SER B 303 -12.68 12.69 -14.23
C SER B 303 -12.15 11.53 -15.06
N PRO B 304 -13.05 10.60 -15.44
CA PRO B 304 -12.64 9.44 -16.24
C PRO B 304 -11.85 9.87 -17.47
N LEU B 305 -12.30 10.96 -18.09
CA LEU B 305 -11.64 11.51 -19.28
C LEU B 305 -10.13 11.67 -19.05
N ARG B 306 -9.77 12.69 -18.29
CA ARG B 306 -8.36 12.96 -18.02
C ARG B 306 -7.69 11.76 -17.38
N ALA B 307 -8.48 10.94 -16.68
CA ALA B 307 -7.96 9.75 -16.02
C ALA B 307 -7.13 8.89 -16.96
N GLY B 308 -7.72 8.50 -18.08
CA GLY B 308 -7.02 7.68 -19.05
C GLY B 308 -5.73 8.31 -19.55
N ARG B 309 -5.75 9.63 -19.73
CA ARG B 309 -4.59 10.36 -20.21
C ARG B 309 -3.58 10.59 -19.09
N LEU B 310 -3.96 11.41 -18.12
CA LEU B 310 -3.11 11.76 -16.98
C LEU B 310 -2.40 10.60 -16.29
N TYR B 311 -3.12 9.52 -16.05
CA TYR B 311 -2.53 8.37 -15.36
C TYR B 311 -1.70 7.48 -16.27
N ASN B 312 -0.39 7.72 -16.28
CA ASN B 312 0.53 6.94 -17.08
C ASN B 312 1.85 6.78 -16.33
N PHE B 313 2.56 5.70 -16.64
CA PHE B 313 3.83 5.38 -15.98
C PHE B 313 4.71 6.59 -15.68
N SER B 314 4.97 7.41 -16.70
CA SER B 314 5.81 8.59 -16.52
C SER B 314 5.26 9.51 -15.45
N PHE B 315 3.96 9.80 -15.50
CA PHE B 315 3.32 10.66 -14.52
C PHE B 315 3.45 10.10 -13.10
N LEU B 316 2.91 8.91 -12.90
CA LEU B 316 2.96 8.26 -11.60
C LEU B 316 4.38 8.29 -11.04
N ASN B 317 5.34 7.90 -11.88
CA ASN B 317 6.74 7.89 -11.46
C ASN B 317 7.16 9.27 -10.97
N GLN B 318 6.71 10.31 -11.67
CA GLN B 318 7.04 11.69 -11.30
C GLN B 318 6.56 12.01 -9.89
N MET B 319 5.40 11.46 -9.54
CA MET B 319 4.82 11.68 -8.22
C MET B 319 5.58 10.91 -7.15
N GLU B 320 5.96 9.68 -7.47
CA GLU B 320 6.70 8.84 -6.53
C GLU B 320 7.98 9.53 -6.10
N ASN B 321 8.72 10.08 -7.08
CA ASN B 321 9.95 10.78 -6.78
C ASN B 321 9.65 12.02 -5.95
N PHE B 322 8.58 12.72 -6.33
CA PHE B 322 8.16 13.91 -5.62
C PHE B 322 7.96 13.64 -4.14
N LEU B 323 7.18 12.60 -3.84
CA LEU B 323 6.89 12.25 -2.46
C LEU B 323 8.09 11.61 -1.78
N LYS B 324 9.01 11.06 -2.56
CA LYS B 324 10.21 10.42 -2.01
C LYS B 324 11.20 11.50 -1.56
N GLU B 325 11.11 12.66 -2.20
CA GLU B 325 12.00 13.78 -1.87
C GLU B 325 11.42 14.58 -0.70
N ARG B 326 10.12 14.85 -0.76
CA ARG B 326 9.44 15.60 0.29
C ARG B 326 9.44 14.86 1.62
N THR B 327 9.33 13.53 1.55
CA THR B 327 9.31 12.70 2.75
C THR B 327 10.05 11.39 2.47
N PRO B 328 11.39 11.43 2.50
CA PRO B 328 12.26 10.28 2.25
C PRO B 328 12.29 9.19 3.31
N TYR B 329 12.21 9.59 4.58
CA TYR B 329 12.28 8.63 5.68
C TYR B 329 10.97 8.05 6.18
N VAL B 330 9.90 8.26 5.42
CA VAL B 330 8.59 7.73 5.81
C VAL B 330 8.54 6.23 5.61
N ASP B 331 7.69 5.56 6.39
CA ASP B 331 7.53 4.12 6.29
C ASP B 331 6.59 3.79 5.14
N GLU B 332 5.85 4.79 4.68
CA GLU B 332 4.89 4.61 3.59
C GLU B 332 4.70 5.89 2.78
N ARG B 333 4.83 5.79 1.46
CA ARG B 333 4.64 6.93 0.58
C ARG B 333 3.77 6.52 -0.60
N PRO B 334 2.55 6.01 -0.31
CA PRO B 334 1.62 5.57 -1.35
C PRO B 334 1.06 6.69 -2.22
N ILE B 335 0.95 6.40 -3.51
CA ILE B 335 0.42 7.36 -4.48
C ILE B 335 -0.82 6.71 -5.11
N ALA B 336 -1.94 6.79 -4.41
CA ALA B 336 -3.18 6.19 -4.87
C ALA B 336 -4.02 7.08 -5.76
N PRO B 337 -4.08 6.78 -7.07
CA PRO B 337 -4.85 7.55 -8.04
C PRO B 337 -6.29 7.02 -8.13
N TYR B 338 -7.26 7.92 -8.22
CA TYR B 338 -8.67 7.51 -8.31
C TYR B 338 -9.40 8.20 -9.44
N VAL B 339 -10.64 7.78 -9.66
CA VAL B 339 -11.49 8.34 -10.70
C VAL B 339 -12.91 8.52 -10.17
N ASN B 340 -13.49 9.68 -10.42
CA ASN B 340 -14.85 9.96 -9.97
C ASN B 340 -15.82 9.78 -11.12
N LYS B 341 -16.38 8.58 -11.23
CA LYS B 341 -17.33 8.25 -12.30
C LYS B 341 -18.55 9.15 -12.26
N HIS B 342 -18.59 10.08 -11.30
CA HIS B 342 -19.70 11.00 -11.18
C HIS B 342 -19.21 12.44 -11.04
N THR B 343 -18.14 12.75 -11.77
CA THR B 343 -17.57 14.08 -11.74
C THR B 343 -18.45 15.08 -12.47
N THR B 344 -18.79 16.18 -11.79
CA THR B 344 -19.62 17.21 -12.38
C THR B 344 -19.04 17.63 -13.72
N LYS B 345 -19.90 17.93 -14.68
CA LYS B 345 -19.47 18.33 -16.01
C LYS B 345 -18.62 19.60 -15.98
N LYS B 346 -18.87 20.45 -14.99
CA LYS B 346 -18.12 21.70 -14.86
C LYS B 346 -16.70 21.49 -14.37
N GLU B 347 -16.48 20.39 -13.65
CA GLU B 347 -15.15 20.10 -13.12
C GLU B 347 -14.53 18.81 -13.66
N GLU B 348 -14.59 18.62 -14.97
CA GLU B 348 -14.01 17.43 -15.57
C GLU B 348 -12.63 17.76 -16.14
N ASP B 349 -12.22 19.01 -15.98
CA ASP B 349 -10.93 19.46 -16.46
C ASP B 349 -9.93 19.49 -15.30
N ILE B 350 -10.46 19.66 -14.09
CA ILE B 350 -9.66 19.74 -12.89
C ILE B 350 -9.10 18.38 -12.44
N VAL B 351 -8.00 18.43 -11.71
CA VAL B 351 -7.33 17.25 -11.17
C VAL B 351 -7.01 17.56 -9.71
N LYS B 352 -7.79 17.00 -8.80
CA LYS B 352 -7.61 17.24 -7.37
C LYS B 352 -6.54 16.38 -6.69
N PHE B 353 -5.81 16.99 -5.77
CA PHE B 353 -4.76 16.31 -5.02
C PHE B 353 -5.04 16.39 -3.53
N TYR B 354 -4.92 15.27 -2.84
CA TYR B 354 -5.15 15.22 -1.39
C TYR B 354 -3.94 14.59 -0.71
N SER B 355 -3.28 15.39 0.12
CA SER B 355 -2.08 14.93 0.82
C SER B 355 -2.30 14.83 2.32
N VAL B 356 -1.52 13.95 2.97
CA VAL B 356 -1.58 13.75 4.40
C VAL B 356 -0.21 13.32 4.90
N VAL B 357 0.48 14.23 5.57
CA VAL B 357 1.81 13.95 6.10
C VAL B 357 1.72 13.96 7.63
N ALA B 358 2.15 12.86 8.25
CA ALA B 358 2.09 12.75 9.71
C ALA B 358 3.45 12.45 10.34
N GLY B 359 3.51 12.58 11.67
CA GLY B 359 4.75 12.33 12.38
C GLY B 359 5.74 13.47 12.29
N LEU B 360 5.22 14.69 12.17
CA LEU B 360 6.06 15.88 12.06
C LEU B 360 6.24 16.58 13.40
N PRO B 361 7.20 17.52 13.48
CA PRO B 361 7.49 18.28 14.70
C PRO B 361 6.53 19.45 14.85
N LEU B 362 6.99 20.51 15.52
CA LEU B 362 6.16 21.70 15.72
C LEU B 362 6.50 22.80 14.73
N PRO B 363 5.47 23.45 14.15
CA PRO B 363 5.62 24.53 13.18
C PRO B 363 6.55 25.64 13.67
N LYS B 364 7.09 26.40 12.73
CA LYS B 364 7.97 27.50 13.08
C LYS B 364 7.12 28.55 13.77
N ARG B 365 5.80 28.43 13.59
CA ARG B 365 4.84 29.35 14.18
C ARG B 365 4.92 29.29 15.71
N VAL B 366 4.75 28.09 16.26
CA VAL B 366 4.79 27.89 17.70
C VAL B 366 6.03 28.60 18.25
N SER B 367 7.08 28.66 17.43
CA SER B 367 8.31 29.31 17.81
C SER B 367 8.11 30.82 17.84
N ASP B 368 7.68 31.37 16.70
CA ASP B 368 7.43 32.80 16.60
C ASP B 368 6.49 33.32 17.68
N ILE B 369 5.60 32.45 18.15
CA ILE B 369 4.65 32.82 19.19
C ILE B 369 5.41 33.15 20.47
N ILE B 370 6.43 32.35 20.75
CA ILE B 370 7.25 32.56 21.95
C ILE B 370 8.08 33.82 21.75
N ASP B 371 8.40 34.11 20.49
CA ASP B 371 9.18 35.29 20.14
C ASP B 371 8.32 36.54 20.30
N GLU B 372 7.03 36.33 20.57
CA GLU B 372 6.10 37.42 20.74
C GLU B 372 5.84 37.60 22.24
N ILE B 373 5.83 36.49 22.97
CA ILE B 373 5.62 36.52 24.41
C ILE B 373 6.78 37.25 25.08
N THR B 374 8.00 36.96 24.62
CA THR B 374 9.18 37.59 25.16
C THR B 374 9.21 39.06 24.76
N ARG B 375 8.84 39.33 23.51
CA ARG B 375 8.80 40.70 23.00
C ARG B 375 7.90 41.58 23.86
N ILE B 376 6.69 41.09 24.13
CA ILE B 376 5.73 41.82 24.94
C ILE B 376 6.30 42.11 26.33
N LYS B 377 6.81 41.07 26.98
CA LYS B 377 7.38 41.21 28.32
C LYS B 377 8.51 42.23 28.39
N GLU B 378 9.36 42.25 27.35
CA GLU B 378 10.48 43.18 27.33
C GLU B 378 10.04 44.64 27.44
N GLU B 379 9.23 45.08 26.49
CA GLU B 379 8.74 46.46 26.50
C GLU B 379 8.07 46.78 27.83
N ARG B 380 7.45 45.77 28.43
CA ARG B 380 6.78 45.94 29.72
C ARG B 380 7.80 46.37 30.77
N GLU B 381 8.98 45.77 30.71
CA GLU B 381 10.05 46.08 31.65
C GLU B 381 10.48 47.54 31.45
N GLN B 382 10.14 48.09 30.29
CA GLN B 382 10.47 49.46 29.96
C GLN B 382 9.34 50.38 30.42
N ALA B 383 8.87 50.16 31.65
CA ALA B 383 7.80 50.96 32.23
C ALA B 383 7.93 51.01 33.74
#